data_4A38
#
_entry.id   4A38
#
_cell.length_a   42.100
_cell.length_b   84.020
_cell.length_c   107.700
_cell.angle_alpha   90.00
_cell.angle_beta   96.62
_cell.angle_gamma   90.00
#
_symmetry.space_group_name_H-M   'P 1 21 1'
#
loop_
_entity.id
_entity.type
_entity.pdbx_description
1 polymer METALLO-CARBOXYPEPTIDASE
2 non-polymer 'ZINC ION'
3 non-polymer 'L-BENZYLSUCCINIC ACID'
4 water water
#
_entity_poly.entity_id   1
_entity_poly.type   'polypeptide(L)'
_entity_poly.pdbx_seq_one_letter_code
;MASWSHPQFEKGAMQIRADFDSGNIQVIDASDPRRIRLAIRPDLASQHFQWFHFKVEGMAPATEHCFTLVNAGQSAYSHA
WSGYQAVASYDGERWFRVPSQYDADGLHFQLEPEESEVRFAYFEPYSRERHARLVERALGIEGVERLAVGTSVQGRDIEL
LRVRRHPDSHLKLWVIAQQHPGEHMAEWFMEGLIERLQRPDDTEMQRLLEKADLYLVPNMNPDGAFHGNLRTNAAGQDLN
RAWLEPSAERSPEVWFVQQEMKRHGVDLFLDIHGDEEIPHVFAAGCEGNPGYTPRLERLEQRFREELMARGEFQIRHGYP
RSAPGQANLALACNFVGQTYDCLAFTIEMPFKDHDDNPEPGTGWSGARSKRLGQDVLSTLAVLVDELR
;
_entity_poly.pdbx_strand_id   A,B
#
loop_
_chem_comp.id
_chem_comp.type
_chem_comp.name
_chem_comp.formula
BZS non-polymer 'L-BENZYLSUCCINIC ACID' 'C11 H12 O4'
ZN non-polymer 'ZINC ION' 'Zn 2'
#
# COMPACT_ATOMS: atom_id res chain seq x y z
N MET A 14 -10.58 2.23 -22.45
CA MET A 14 -10.96 1.93 -21.04
C MET A 14 -9.93 2.47 -20.05
N GLN A 15 -10.43 3.10 -18.98
CA GLN A 15 -9.57 3.67 -17.96
C GLN A 15 -10.20 3.49 -16.58
N ILE A 16 -9.38 3.02 -15.64
CA ILE A 16 -9.80 2.79 -14.27
C ILE A 16 -9.04 3.68 -13.28
N ARG A 17 -9.78 4.32 -12.38
CA ARG A 17 -9.16 5.23 -11.41
C ARG A 17 -9.83 5.22 -10.04
N ALA A 18 -9.11 5.74 -9.06
CA ALA A 18 -9.61 5.81 -7.70
C ALA A 18 -9.19 7.13 -7.04
N ASP A 19 -8.91 8.13 -7.88
CA ASP A 19 -8.48 9.44 -7.38
C ASP A 19 -9.66 10.29 -6.90
N PHE A 20 -10.34 9.82 -5.86
CA PHE A 20 -11.47 10.53 -5.26
C PHE A 20 -11.77 10.03 -3.84
N ASP A 21 -12.67 10.73 -3.16
CA ASP A 21 -13.06 10.39 -1.79
C ASP A 21 -13.43 8.91 -1.61
N SER A 22 -12.69 8.26 -0.70
CA SER A 22 -12.83 6.85 -0.32
C SER A 22 -12.36 5.90 -1.40
N GLY A 23 -11.69 6.44 -2.42
CA GLY A 23 -11.21 5.59 -3.49
C GLY A 23 -10.08 4.67 -3.03
N ASN A 24 -10.05 3.47 -3.59
CA ASN A 24 -9.00 2.53 -3.25
C ASN A 24 -8.86 1.45 -4.32
N ILE A 25 -7.70 1.43 -4.97
CA ILE A 25 -7.40 0.43 -5.98
C ILE A 25 -6.05 0.68 -6.62
N GLN A 26 -5.40 -0.39 -7.09
CA GLN A 26 -4.13 -0.29 -7.79
C GLN A 26 -4.34 -1.02 -9.10
N VAL A 27 -4.21 -0.29 -10.21
CA VAL A 27 -4.41 -0.90 -11.53
C VAL A 27 -3.18 -1.65 -12.00
N ILE A 28 -3.38 -2.94 -12.30
CA ILE A 28 -2.30 -3.80 -12.77
C ILE A 28 -2.33 -3.78 -14.29
N ASP A 29 -3.43 -4.23 -14.86
CA ASP A 29 -3.60 -4.29 -16.32
C ASP A 29 -5.08 -4.30 -16.70
N ALA A 30 -5.49 -3.25 -17.41
CA ALA A 30 -6.88 -3.10 -17.85
C ALA A 30 -6.94 -2.96 -19.37
N SER A 31 -6.06 -3.68 -20.07
CA SER A 31 -6.00 -3.63 -21.52
C SER A 31 -6.98 -4.64 -22.14
N ASP A 32 -7.17 -5.78 -21.46
CA ASP A 32 -8.07 -6.84 -21.93
C ASP A 32 -9.31 -6.93 -21.04
N PRO A 33 -10.46 -6.43 -21.53
CA PRO A 33 -11.74 -6.45 -20.81
C PRO A 33 -12.09 -7.79 -20.17
N ARG A 34 -11.72 -8.88 -20.82
CA ARG A 34 -12.02 -10.20 -20.30
C ARG A 34 -11.03 -10.67 -19.24
N ARG A 35 -10.03 -9.85 -18.97
CA ARG A 35 -9.01 -10.22 -17.98
C ARG A 35 -8.46 -8.98 -17.27
N ILE A 36 -9.33 -8.24 -16.60
CA ILE A 36 -8.92 -7.03 -15.90
C ILE A 36 -8.26 -7.39 -14.56
N ARG A 37 -7.03 -6.91 -14.37
CA ARG A 37 -6.26 -7.19 -13.16
C ARG A 37 -6.17 -5.95 -12.28
N LEU A 38 -6.47 -6.13 -10.99
CA LEU A 38 -6.43 -5.03 -10.02
C LEU A 38 -5.94 -5.53 -8.66
N ALA A 39 -5.48 -4.61 -7.82
CA ALA A 39 -4.98 -4.96 -6.50
C ALA A 39 -5.54 -3.99 -5.46
N ILE A 40 -5.83 -4.45 -4.31
CA ILE A 40 -6.39 -3.58 -3.28
C ILE A 40 -5.24 -2.86 -2.60
N ARG A 41 -5.38 -1.59 -2.28
CA ARG A 41 -4.31 -0.84 -1.64
C ARG A 41 -4.32 -0.96 -0.12
N PRO A 42 -3.15 -1.18 0.50
CA PRO A 42 -3.06 -1.31 1.96
C PRO A 42 -3.34 0.07 2.58
N ASP A 43 -3.78 0.10 3.85
CA ASP A 43 -4.06 1.36 4.54
C ASP A 43 -2.84 2.29 4.56
N LEU A 44 -3.10 3.59 4.69
CA LEU A 44 -2.04 4.61 4.74
C LEU A 44 -0.80 4.23 5.57
N ALA A 45 -1.02 3.85 6.82
CA ALA A 45 0.09 3.49 7.69
C ALA A 45 -0.08 2.15 8.41
N SER A 46 -0.73 1.20 7.77
CA SER A 46 -0.89 -0.13 8.34
C SER A 46 -1.06 -1.13 7.21
N GLN A 47 -0.78 -2.40 7.50
CA GLN A 47 -0.87 -3.43 6.48
C GLN A 47 -2.28 -3.89 6.11
N HIS A 48 -3.28 -3.43 6.85
CA HIS A 48 -4.66 -3.83 6.59
C HIS A 48 -5.23 -3.34 5.26
N PHE A 49 -6.03 -4.19 4.64
CA PHE A 49 -6.76 -3.84 3.42
C PHE A 49 -7.86 -4.86 3.14
N GLN A 50 -8.92 -4.40 2.49
CA GLN A 50 -10.06 -5.23 2.11
C GLN A 50 -11.03 -4.34 1.33
N TRP A 51 -11.24 -3.12 1.82
CA TRP A 51 -12.12 -2.16 1.17
C TRP A 51 -11.55 -1.74 -0.18
N PHE A 52 -12.40 -1.68 -1.20
CA PHE A 52 -11.99 -1.24 -2.53
C PHE A 52 -13.07 -0.33 -3.10
N HIS A 53 -12.67 0.61 -3.94
CA HIS A 53 -13.60 1.56 -4.56
C HIS A 53 -12.94 2.24 -5.76
N PHE A 54 -13.43 1.93 -6.97
CA PHE A 54 -12.86 2.53 -8.19
C PHE A 54 -13.91 2.80 -9.27
N LYS A 55 -13.54 3.59 -10.28
CA LYS A 55 -14.44 3.90 -11.38
C LYS A 55 -13.84 3.41 -12.69
N VAL A 56 -14.69 2.92 -13.58
CA VAL A 56 -14.23 2.44 -14.89
C VAL A 56 -14.90 3.34 -15.91
N GLU A 57 -14.11 3.83 -16.87
CA GLU A 57 -14.63 4.71 -17.90
C GLU A 57 -14.29 4.19 -19.30
N GLY A 58 -15.10 4.58 -20.28
CA GLY A 58 -14.88 4.18 -21.64
C GLY A 58 -15.01 2.70 -21.91
N MET A 59 -15.94 2.03 -21.24
CA MET A 59 -16.10 0.61 -21.48
C MET A 59 -16.84 0.36 -22.79
N ALA A 60 -16.40 -0.66 -23.52
CA ALA A 60 -17.03 -1.00 -24.80
C ALA A 60 -18.45 -1.50 -24.53
N PRO A 61 -19.39 -1.18 -25.43
CA PRO A 61 -20.78 -1.61 -25.25
C PRO A 61 -20.96 -3.07 -25.66
N ALA A 62 -22.02 -3.71 -25.16
CA ALA A 62 -22.30 -5.10 -25.47
C ALA A 62 -21.05 -5.99 -25.30
N THR A 63 -20.30 -5.76 -24.23
CA THR A 63 -19.07 -6.53 -23.97
C THR A 63 -18.96 -6.96 -22.51
N GLU A 64 -18.63 -8.23 -22.27
CA GLU A 64 -18.47 -8.66 -20.89
C GLU A 64 -17.11 -8.23 -20.38
N HIS A 65 -17.09 -7.68 -19.17
CA HIS A 65 -15.86 -7.25 -18.54
C HIS A 65 -15.69 -8.11 -17.32
N CYS A 66 -14.55 -8.80 -17.24
CA CYS A 66 -14.27 -9.69 -16.11
C CYS A 66 -13.14 -9.10 -15.27
N PHE A 67 -13.45 -8.79 -14.01
CA PHE A 67 -12.49 -8.19 -13.07
C PHE A 67 -11.92 -9.19 -12.06
N THR A 68 -10.69 -8.94 -11.65
CA THR A 68 -10.03 -9.79 -10.65
C THR A 68 -9.16 -8.99 -9.68
N LEU A 69 -9.50 -9.02 -8.38
CA LEU A 69 -8.70 -8.35 -7.37
C LEU A 69 -7.67 -9.41 -7.00
N VAL A 70 -6.46 -9.31 -7.56
CA VAL A 70 -5.45 -10.34 -7.36
C VAL A 70 -4.88 -10.57 -5.96
N ASN A 71 -4.87 -9.57 -5.09
CA ASN A 71 -4.31 -9.78 -3.77
C ASN A 71 -5.37 -9.93 -2.69
N ALA A 72 -6.60 -10.28 -3.11
CA ALA A 72 -7.70 -10.47 -2.17
C ALA A 72 -7.32 -11.56 -1.18
N GLY A 73 -6.50 -12.49 -1.63
CA GLY A 73 -6.05 -13.57 -0.77
C GLY A 73 -5.23 -13.12 0.42
N GLN A 74 -4.65 -11.93 0.35
CA GLN A 74 -3.83 -11.40 1.45
C GLN A 74 -4.50 -10.28 2.23
N SER A 75 -5.79 -10.08 2.01
CA SER A 75 -6.51 -9.03 2.70
C SER A 75 -6.63 -9.33 4.19
N ALA A 76 -7.03 -8.32 4.96
CA ALA A 76 -7.17 -8.44 6.40
C ALA A 76 -8.04 -9.62 6.82
N TYR A 77 -9.16 -9.82 6.11
CA TYR A 77 -10.09 -10.90 6.41
C TYR A 77 -10.44 -11.66 5.13
N SER A 78 -9.45 -12.35 4.57
CA SER A 78 -9.62 -13.08 3.32
C SER A 78 -10.66 -14.20 3.34
N HIS A 79 -10.99 -14.73 4.52
CA HIS A 79 -11.99 -15.79 4.54
C HIS A 79 -13.38 -15.20 4.32
N ALA A 80 -13.52 -13.90 4.52
CA ALA A 80 -14.81 -13.25 4.35
C ALA A 80 -15.21 -13.06 2.86
N TRP A 81 -14.26 -13.27 1.95
CA TRP A 81 -14.55 -13.11 0.52
C TRP A 81 -15.56 -14.13 0.03
N SER A 82 -15.46 -15.34 0.57
CA SER A 82 -16.37 -16.42 0.17
C SER A 82 -17.82 -16.02 0.40
N GLY A 83 -18.63 -16.12 -0.66
CA GLY A 83 -20.02 -15.77 -0.56
C GLY A 83 -20.34 -14.30 -0.78
N TYR A 84 -19.31 -13.45 -0.86
CA TYR A 84 -19.50 -12.02 -1.07
C TYR A 84 -19.72 -11.63 -2.53
N GLN A 85 -20.66 -10.71 -2.75
CA GLN A 85 -20.97 -10.22 -4.10
C GLN A 85 -20.60 -8.74 -4.12
N ALA A 86 -19.74 -8.34 -5.06
CA ALA A 86 -19.33 -6.95 -5.17
C ALA A 86 -20.53 -6.08 -5.49
N VAL A 87 -20.42 -4.80 -5.19
CA VAL A 87 -21.49 -3.84 -5.44
C VAL A 87 -21.05 -2.89 -6.56
N ALA A 88 -22.01 -2.45 -7.38
CA ALA A 88 -21.69 -1.56 -8.48
C ALA A 88 -22.78 -0.49 -8.67
N SER A 89 -22.45 0.57 -9.40
CA SER A 89 -23.40 1.64 -9.66
C SER A 89 -23.03 2.47 -10.88
N TYR A 90 -24.02 2.85 -11.68
CA TYR A 90 -23.77 3.65 -12.89
C TYR A 90 -23.84 5.15 -12.57
N ASP A 91 -24.79 5.53 -11.72
CA ASP A 91 -25.00 6.92 -11.35
C ASP A 91 -24.56 7.25 -9.92
N GLY A 92 -24.05 6.26 -9.20
CA GLY A 92 -23.60 6.49 -7.84
C GLY A 92 -24.75 6.67 -6.87
N GLU A 93 -25.96 6.33 -7.32
CA GLU A 93 -27.16 6.44 -6.50
C GLU A 93 -27.80 5.08 -6.30
N ARG A 94 -27.94 4.33 -7.39
CA ARG A 94 -28.51 3.00 -7.34
C ARG A 94 -27.36 2.01 -7.34
N TRP A 95 -27.25 1.25 -6.27
CA TRP A 95 -26.20 0.26 -6.16
C TRP A 95 -26.80 -1.13 -6.28
N PHE A 96 -26.12 -1.99 -7.01
CA PHE A 96 -26.60 -3.34 -7.22
C PHE A 96 -25.44 -4.32 -7.11
N ARG A 97 -25.79 -5.56 -6.75
CA ARG A 97 -24.84 -6.63 -6.57
C ARG A 97 -24.55 -7.27 -7.93
N VAL A 98 -23.32 -7.76 -8.12
CA VAL A 98 -22.94 -8.42 -9.36
C VAL A 98 -22.34 -9.81 -9.10
N PRO A 99 -22.47 -10.72 -10.07
CA PRO A 99 -21.95 -12.08 -9.94
C PRO A 99 -20.47 -12.08 -9.52
N SER A 100 -20.17 -12.75 -8.41
CA SER A 100 -18.81 -12.82 -7.90
C SER A 100 -18.42 -14.21 -7.41
N GLN A 101 -17.13 -14.54 -7.53
CA GLN A 101 -16.63 -15.83 -7.07
C GLN A 101 -15.26 -15.63 -6.41
N TYR A 102 -14.89 -16.54 -5.52
CA TYR A 102 -13.60 -16.42 -4.85
C TYR A 102 -12.82 -17.74 -4.88
N ASP A 103 -11.57 -17.66 -5.31
CA ASP A 103 -10.69 -18.82 -5.35
C ASP A 103 -9.25 -18.41 -5.01
N ALA A 104 -8.27 -19.20 -5.46
CA ALA A 104 -6.88 -18.91 -5.17
C ALA A 104 -6.34 -17.71 -5.95
N ASP A 105 -6.95 -17.38 -7.08
CA ASP A 105 -6.51 -16.25 -7.89
C ASP A 105 -7.05 -14.91 -7.38
N GLY A 106 -7.99 -14.98 -6.45
CA GLY A 106 -8.57 -13.76 -5.88
C GLY A 106 -10.09 -13.63 -5.99
N LEU A 107 -10.59 -12.41 -5.87
CA LEU A 107 -12.03 -12.15 -5.99
C LEU A 107 -12.33 -11.80 -7.44
N HIS A 108 -13.31 -12.48 -8.03
CA HIS A 108 -13.70 -12.21 -9.40
C HIS A 108 -15.17 -11.79 -9.44
N PHE A 109 -15.49 -10.92 -10.39
CA PHE A 109 -16.86 -10.48 -10.61
C PHE A 109 -16.97 -10.02 -12.06
N GLN A 110 -18.13 -10.25 -12.67
CA GLN A 110 -18.31 -9.89 -14.06
C GLN A 110 -19.52 -9.00 -14.29
N LEU A 111 -19.45 -8.19 -15.34
CA LEU A 111 -20.54 -7.30 -15.67
C LEU A 111 -20.50 -6.86 -17.13
N GLU A 112 -21.66 -6.86 -17.76
CA GLU A 112 -21.77 -6.37 -19.12
C GLU A 112 -22.53 -5.07 -18.89
N PRO A 113 -21.80 -3.96 -18.77
CA PRO A 113 -22.34 -2.62 -18.52
C PRO A 113 -23.31 -2.07 -19.55
N GLU A 114 -24.41 -1.54 -19.03
CA GLU A 114 -25.46 -0.93 -19.84
C GLU A 114 -24.99 0.50 -20.19
N GLU A 115 -23.99 0.99 -19.45
CA GLU A 115 -23.43 2.32 -19.63
C GLU A 115 -21.92 2.25 -19.87
N SER A 116 -21.32 3.35 -20.31
CA SER A 116 -19.89 3.37 -20.58
C SER A 116 -19.08 3.52 -19.30
N GLU A 117 -19.73 4.03 -18.26
CA GLU A 117 -19.05 4.21 -16.98
C GLU A 117 -19.81 3.50 -15.86
N VAL A 118 -19.06 3.04 -14.87
CA VAL A 118 -19.64 2.35 -13.72
C VAL A 118 -18.59 2.34 -12.62
N ARG A 119 -19.04 2.23 -11.38
CA ARG A 119 -18.11 2.16 -10.26
C ARG A 119 -18.42 0.98 -9.37
N PHE A 120 -17.37 0.38 -8.82
CA PHE A 120 -17.49 -0.75 -7.92
C PHE A 120 -16.95 -0.34 -6.55
N ALA A 121 -17.41 -1.03 -5.52
CA ALA A 121 -16.96 -0.77 -4.15
C ALA A 121 -17.38 -1.94 -3.26
N TYR A 122 -16.67 -2.09 -2.14
CA TYR A 122 -16.94 -3.15 -1.20
C TYR A 122 -18.32 -2.95 -0.55
N PHE A 123 -18.78 -1.71 -0.49
CA PHE A 123 -20.11 -1.37 0.06
C PHE A 123 -20.48 0.04 -0.39
N GLU A 124 -21.76 0.37 -0.38
CA GLU A 124 -22.21 1.69 -0.77
C GLU A 124 -21.42 2.75 0.04
N PRO A 125 -20.50 3.46 -0.62
CA PRO A 125 -19.66 4.48 0.02
C PRO A 125 -20.42 5.66 0.63
N TYR A 126 -19.91 6.18 1.74
CA TYR A 126 -20.50 7.35 2.38
C TYR A 126 -19.37 8.39 2.32
N SER A 127 -19.48 9.35 1.40
CA SER A 127 -18.42 10.36 1.26
C SER A 127 -18.46 11.46 2.32
N ARG A 128 -17.32 12.15 2.49
CA ARG A 128 -17.25 13.23 3.47
C ARG A 128 -18.13 14.37 2.98
N GLU A 129 -18.39 14.38 1.67
CA GLU A 129 -19.25 15.37 1.05
C GLU A 129 -20.68 15.15 1.57
N ARG A 130 -21.12 13.91 1.60
CA ARG A 130 -22.46 13.61 2.10
C ARG A 130 -22.49 13.89 3.60
N HIS A 131 -21.41 13.52 4.28
CA HIS A 131 -21.29 13.74 5.73
C HIS A 131 -21.61 15.19 6.04
N ALA A 132 -21.01 16.10 5.27
CA ALA A 132 -21.20 17.52 5.46
C ALA A 132 -22.69 17.88 5.30
N ARG A 133 -23.33 17.38 4.24
CA ARG A 133 -24.75 17.67 4.03
C ARG A 133 -25.60 17.08 5.16
N LEU A 134 -25.14 15.97 5.72
CA LEU A 134 -25.86 15.31 6.81
C LEU A 134 -25.80 16.17 8.07
N VAL A 135 -24.63 16.74 8.33
CA VAL A 135 -24.46 17.59 9.50
C VAL A 135 -25.29 18.85 9.34
N GLU A 136 -25.28 19.40 8.14
CA GLU A 136 -26.05 20.61 7.82
C GLU A 136 -27.52 20.39 8.15
N ARG A 137 -28.08 19.30 7.64
CA ARG A 137 -29.49 18.97 7.89
C ARG A 137 -29.73 18.76 9.37
N ALA A 138 -28.79 18.09 10.04
CA ALA A 138 -28.92 17.84 11.47
C ALA A 138 -29.10 19.15 12.23
N LEU A 139 -28.24 20.12 11.96
CA LEU A 139 -28.29 21.41 12.64
C LEU A 139 -29.53 22.24 12.34
N GLY A 140 -30.25 21.84 11.29
CA GLY A 140 -31.46 22.53 10.93
C GLY A 140 -32.64 21.88 11.63
N ILE A 141 -32.37 20.84 12.40
CA ILE A 141 -33.42 20.14 13.12
C ILE A 141 -33.64 20.68 14.53
N GLU A 142 -34.90 20.72 14.92
CA GLU A 142 -35.30 21.23 16.23
C GLU A 142 -34.59 20.53 17.39
N GLY A 143 -33.90 21.31 18.21
CA GLY A 143 -33.22 20.74 19.37
C GLY A 143 -31.88 20.09 19.10
N VAL A 144 -31.43 20.14 17.86
CA VAL A 144 -30.15 19.54 17.50
C VAL A 144 -29.08 20.62 17.43
N GLU A 145 -27.93 20.36 18.05
CA GLU A 145 -26.84 21.30 18.07
C GLU A 145 -25.50 20.60 17.96
N ARG A 146 -24.50 21.31 17.46
CA ARG A 146 -23.17 20.74 17.37
C ARG A 146 -22.55 21.07 18.72
N LEU A 147 -22.75 20.17 19.68
CA LEU A 147 -22.25 20.34 21.04
C LEU A 147 -20.75 20.63 21.13
N ALA A 148 -19.96 19.97 20.28
CA ALA A 148 -18.51 20.18 20.28
C ALA A 148 -17.93 19.60 19.00
N VAL A 149 -16.68 19.95 18.72
CA VAL A 149 -16.00 19.44 17.52
C VAL A 149 -14.57 19.08 17.86
N GLY A 150 -14.15 17.87 17.47
CA GLY A 150 -12.79 17.43 17.71
C GLY A 150 -12.04 17.53 16.39
N THR A 151 -10.76 17.16 16.39
CA THR A 151 -9.96 17.24 15.18
C THR A 151 -9.15 15.97 14.93
N SER A 152 -9.25 15.44 13.72
CA SER A 152 -8.52 14.23 13.34
C SER A 152 -7.03 14.54 13.17
N VAL A 153 -6.24 13.50 13.01
CA VAL A 153 -4.80 13.66 12.81
C VAL A 153 -4.50 14.59 11.64
N GLN A 154 -5.31 14.54 10.58
CA GLN A 154 -5.06 15.41 9.44
C GLN A 154 -5.89 16.69 9.46
N GLY A 155 -6.50 16.97 10.61
CA GLY A 155 -7.29 18.17 10.76
C GLY A 155 -8.73 18.23 10.29
N ARG A 156 -9.39 17.09 10.09
CA ARG A 156 -10.79 17.09 9.67
C ARG A 156 -11.70 17.08 10.91
N ASP A 157 -12.88 17.67 10.77
CA ASP A 157 -13.84 17.78 11.88
C ASP A 157 -14.46 16.49 12.40
N ILE A 158 -14.56 16.37 13.73
CA ILE A 158 -15.21 15.24 14.37
C ILE A 158 -16.41 15.82 15.12
N GLU A 159 -17.54 16.00 14.43
CA GLU A 159 -18.71 16.56 15.09
C GLU A 159 -19.39 15.67 16.12
N LEU A 160 -19.73 16.27 17.26
CA LEU A 160 -20.46 15.62 18.34
C LEU A 160 -21.77 16.40 18.37
N LEU A 161 -22.85 15.78 17.91
CA LEU A 161 -24.15 16.43 17.87
C LEU A 161 -24.97 16.04 19.08
N ARG A 162 -25.68 17.00 19.67
CA ARG A 162 -26.55 16.66 20.79
C ARG A 162 -27.98 17.01 20.44
N VAL A 163 -28.89 16.08 20.69
CA VAL A 163 -30.30 16.29 20.43
C VAL A 163 -30.92 16.48 21.81
N ARG A 164 -31.38 17.71 22.08
CA ARG A 164 -31.98 18.04 23.37
C ARG A 164 -33.27 18.83 23.15
N ARG A 165 -34.38 18.27 23.60
CA ARG A 165 -35.68 18.93 23.43
C ARG A 165 -36.40 19.23 24.74
N HIS A 166 -35.75 18.93 25.87
CA HIS A 166 -36.33 19.18 27.19
C HIS A 166 -35.23 19.39 28.20
N PRO A 167 -35.16 20.60 28.80
CA PRO A 167 -34.14 20.96 29.79
C PRO A 167 -34.16 20.12 31.07
N ASP A 168 -35.08 19.16 31.16
CA ASP A 168 -35.18 18.32 32.34
C ASP A 168 -34.88 16.85 32.10
N SER A 169 -34.49 16.49 30.88
CA SER A 169 -34.15 15.11 30.59
C SER A 169 -32.94 14.83 31.48
N HIS A 170 -32.70 13.57 31.81
CA HIS A 170 -31.58 13.26 32.70
C HIS A 170 -30.67 12.14 32.23
N LEU A 171 -30.99 11.53 31.09
CA LEU A 171 -30.17 10.43 30.58
C LEU A 171 -29.38 10.85 29.35
N LYS A 172 -28.20 10.26 29.20
CA LYS A 172 -27.33 10.56 28.06
C LYS A 172 -27.15 9.29 27.23
N LEU A 173 -27.66 9.30 26.01
CA LEU A 173 -27.54 8.14 25.14
C LEU A 173 -26.54 8.42 24.03
N TRP A 174 -25.39 7.73 24.07
CA TRP A 174 -24.33 7.92 23.07
C TRP A 174 -24.31 6.89 21.94
N VAL A 175 -24.10 7.39 20.73
CA VAL A 175 -24.04 6.57 19.54
C VAL A 175 -22.92 7.11 18.64
N ILE A 176 -21.85 6.34 18.45
CA ILE A 176 -20.76 6.80 17.59
C ILE A 176 -20.57 5.77 16.48
N ALA A 177 -20.06 6.23 15.34
CA ALA A 177 -19.91 5.32 14.21
C ALA A 177 -18.69 5.41 13.33
N GLN A 178 -18.37 4.27 12.73
CA GLN A 178 -17.29 4.11 11.78
C GLN A 178 -15.87 4.41 12.24
N GLN A 179 -15.49 3.89 13.41
CA GLN A 179 -14.12 4.06 13.90
C GLN A 179 -13.24 3.37 12.87
N HIS A 180 -13.81 2.36 12.22
CA HIS A 180 -13.13 1.60 11.18
C HIS A 180 -13.63 2.19 9.85
N PRO A 181 -12.74 2.93 9.16
CA PRO A 181 -13.05 3.58 7.89
C PRO A 181 -13.74 2.78 6.78
N GLY A 182 -13.36 1.52 6.60
CA GLY A 182 -13.99 0.73 5.56
C GLY A 182 -15.42 0.30 5.82
N GLU A 183 -15.90 0.46 7.05
CA GLU A 183 -17.26 0.04 7.40
C GLU A 183 -18.33 1.13 7.19
N HIS A 184 -18.46 1.53 5.93
CA HIS A 184 -19.40 2.58 5.52
C HIS A 184 -20.86 2.43 5.90
N MET A 185 -21.30 1.19 6.10
CA MET A 185 -22.69 0.97 6.49
C MET A 185 -22.95 1.71 7.80
N ALA A 186 -21.89 1.93 8.58
CA ALA A 186 -22.03 2.60 9.86
C ALA A 186 -22.57 4.02 9.76
N GLU A 187 -21.99 4.85 8.89
CA GLU A 187 -22.51 6.22 8.79
C GLU A 187 -23.92 6.22 8.17
N TRP A 188 -24.20 5.25 7.30
CA TRP A 188 -25.54 5.16 6.72
C TRP A 188 -26.56 5.00 7.85
N PHE A 189 -26.20 4.18 8.84
CA PHE A 189 -27.03 3.93 10.01
C PHE A 189 -27.31 5.27 10.70
N MET A 190 -26.27 6.09 10.87
CA MET A 190 -26.43 7.41 11.49
C MET A 190 -27.34 8.33 10.69
N GLU A 191 -27.24 8.31 9.36
CA GLU A 191 -28.10 9.15 8.52
C GLU A 191 -29.56 8.82 8.78
N GLY A 192 -29.87 7.52 8.81
CA GLY A 192 -31.24 7.12 9.05
C GLY A 192 -31.69 7.57 10.43
N LEU A 193 -30.82 7.39 11.42
CA LEU A 193 -31.14 7.77 12.78
C LEU A 193 -31.43 9.26 12.87
N ILE A 194 -30.55 10.07 12.29
CA ILE A 194 -30.71 11.53 12.32
C ILE A 194 -31.95 11.99 11.57
N GLU A 195 -32.15 11.49 10.34
CA GLU A 195 -33.29 11.89 9.54
C GLU A 195 -34.63 11.62 10.19
N ARG A 196 -34.72 10.57 11.00
CA ARG A 196 -35.99 10.28 11.67
C ARG A 196 -36.38 11.45 12.56
N LEU A 197 -35.38 12.18 13.05
CA LEU A 197 -35.61 13.32 13.92
C LEU A 197 -36.40 14.45 13.26
N GLN A 198 -36.58 14.37 11.94
CA GLN A 198 -37.34 15.38 11.19
C GLN A 198 -38.86 15.12 11.16
N ARG A 199 -39.31 14.03 11.76
CA ARG A 199 -40.72 13.69 11.77
C ARG A 199 -41.55 14.63 12.67
N PRO A 200 -42.69 15.12 12.16
CA PRO A 200 -43.58 16.03 12.90
C PRO A 200 -44.26 15.36 14.11
N ASP A 201 -44.99 14.27 13.87
CA ASP A 201 -45.69 13.60 14.95
C ASP A 201 -45.09 12.23 15.28
N ASP A 202 -43.90 12.24 15.87
CA ASP A 202 -43.22 11.01 16.22
C ASP A 202 -43.36 10.76 17.72
N THR A 203 -44.43 10.06 18.08
CA THR A 203 -44.73 9.74 19.46
C THR A 203 -43.62 9.05 20.26
N GLU A 204 -42.96 8.06 19.66
CA GLU A 204 -41.89 7.37 20.37
C GLU A 204 -40.76 8.32 20.71
N MET A 205 -40.34 9.10 19.71
CA MET A 205 -39.26 10.06 19.92
C MET A 205 -39.64 11.11 20.94
N GLN A 206 -40.93 11.43 21.01
CA GLN A 206 -41.40 12.44 21.96
C GLN A 206 -41.11 11.94 23.38
N ARG A 207 -41.43 10.68 23.63
CA ARG A 207 -41.22 10.07 24.94
C ARG A 207 -39.74 9.93 25.25
N LEU A 208 -38.99 9.44 24.26
CA LEU A 208 -37.56 9.27 24.45
C LEU A 208 -36.89 10.59 24.85
N LEU A 209 -37.12 11.62 24.05
CA LEU A 209 -36.52 12.93 24.29
C LEU A 209 -36.99 13.65 25.54
N GLU A 210 -38.08 13.17 26.14
CA GLU A 210 -38.58 13.77 27.37
C GLU A 210 -37.66 13.33 28.52
N LYS A 211 -37.16 12.10 28.41
CA LYS A 211 -36.30 11.52 29.42
C LYS A 211 -34.80 11.52 29.07
N ALA A 212 -34.46 11.72 27.81
CA ALA A 212 -33.05 11.70 27.45
C ALA A 212 -32.61 12.64 26.34
N ASP A 213 -31.29 12.81 26.25
CA ASP A 213 -30.65 13.60 25.22
C ASP A 213 -29.82 12.59 24.42
N LEU A 214 -29.61 12.85 23.14
CA LEU A 214 -28.82 11.95 22.30
C LEU A 214 -27.47 12.58 21.99
N TYR A 215 -26.42 11.77 22.06
CA TYR A 215 -25.07 12.23 21.76
C TYR A 215 -24.57 11.40 20.59
N LEU A 216 -24.48 12.04 19.44
CA LEU A 216 -24.10 11.37 18.20
C LEU A 216 -22.83 11.84 17.53
N VAL A 217 -21.99 10.89 17.13
CA VAL A 217 -20.77 11.19 16.38
C VAL A 217 -20.95 10.40 15.07
N PRO A 218 -21.49 11.05 14.04
CA PRO A 218 -21.74 10.45 12.71
C PRO A 218 -20.53 9.75 12.09
N ASN A 219 -19.33 10.26 12.35
CA ASN A 219 -18.12 9.64 11.83
C ASN A 219 -16.86 9.84 12.69
N MET A 220 -16.37 8.72 13.23
CA MET A 220 -15.19 8.70 14.09
C MET A 220 -13.83 8.67 13.40
N ASN A 221 -13.79 8.52 12.08
CA ASN A 221 -12.49 8.42 11.41
C ASN A 221 -12.55 8.99 9.99
N PRO A 222 -12.77 10.31 9.86
CA PRO A 222 -12.85 10.93 8.54
C PRO A 222 -11.61 10.78 7.66
N ASP A 223 -10.42 10.80 8.26
CA ASP A 223 -9.21 10.65 7.44
C ASP A 223 -9.23 9.27 6.80
N GLY A 224 -9.41 8.23 7.62
CA GLY A 224 -9.45 6.88 7.09
C GLY A 224 -10.49 6.70 6.00
N ALA A 225 -11.69 7.23 6.21
CA ALA A 225 -12.74 7.11 5.21
C ALA A 225 -12.39 7.84 3.91
N PHE A 226 -11.86 9.04 4.02
CA PHE A 226 -11.51 9.82 2.84
C PHE A 226 -10.44 9.12 2.02
N HIS A 227 -9.44 8.57 2.71
CA HIS A 227 -8.35 7.90 2.02
C HIS A 227 -8.62 6.44 1.66
N GLY A 228 -9.89 6.04 1.73
CA GLY A 228 -10.24 4.68 1.38
C GLY A 228 -9.55 3.60 2.19
N ASN A 229 -9.32 3.88 3.47
CA ASN A 229 -8.68 2.93 4.38
C ASN A 229 -9.75 1.92 4.83
N LEU A 230 -9.30 0.80 5.40
CA LEU A 230 -10.21 -0.20 5.91
C LEU A 230 -10.28 -0.13 7.42
N ARG A 231 -9.11 -0.24 8.05
CA ARG A 231 -9.03 -0.34 9.50
C ARG A 231 -8.49 0.78 10.38
N THR A 232 -7.46 1.48 9.92
CA THR A 232 -6.83 2.49 10.75
C THR A 232 -7.01 3.94 10.40
N ASN A 233 -6.67 4.83 11.35
CA ASN A 233 -6.74 6.26 11.10
C ASN A 233 -5.45 6.63 10.38
N ALA A 234 -5.27 7.92 10.11
CA ALA A 234 -4.09 8.36 9.37
C ALA A 234 -2.77 7.87 9.97
N ALA A 235 -2.69 7.89 11.30
CA ALA A 235 -1.47 7.48 11.99
C ALA A 235 -1.19 5.99 11.94
N GLY A 236 -2.17 5.20 11.55
CA GLY A 236 -1.98 3.77 11.47
C GLY A 236 -2.49 3.06 12.70
N GLN A 237 -3.26 3.77 13.53
CA GLN A 237 -3.81 3.21 14.75
C GLN A 237 -5.25 2.75 14.58
N ASP A 238 -5.54 1.55 15.07
CA ASP A 238 -6.88 1.00 15.04
C ASP A 238 -7.58 1.73 16.20
N LEU A 239 -8.53 2.59 15.87
CA LEU A 239 -9.23 3.36 16.88
C LEU A 239 -9.98 2.54 17.93
N ASN A 240 -10.45 1.36 17.54
CA ASN A 240 -11.17 0.54 18.50
C ASN A 240 -10.27 -0.40 19.28
N ARG A 241 -9.04 0.07 19.51
CA ARG A 241 -8.04 -0.64 20.28
C ARG A 241 -7.32 0.43 21.09
N ALA A 242 -7.82 1.67 21.00
CA ALA A 242 -7.19 2.79 21.70
C ALA A 242 -7.97 3.37 22.86
N TRP A 243 -9.06 2.71 23.26
CA TRP A 243 -9.87 3.23 24.35
C TRP A 243 -9.26 3.12 25.74
N LEU A 244 -8.37 2.16 25.95
CA LEU A 244 -7.76 2.04 27.26
C LEU A 244 -6.67 3.09 27.40
N GLU A 245 -5.92 3.31 26.31
CA GLU A 245 -4.85 4.30 26.30
C GLU A 245 -4.93 5.25 25.11
N PRO A 246 -5.89 6.19 25.15
CA PRO A 246 -6.05 7.15 24.06
C PRO A 246 -4.86 8.10 23.96
N SER A 247 -4.54 8.51 22.74
CA SER A 247 -3.45 9.44 22.55
C SER A 247 -3.96 10.68 21.84
N ALA A 248 -3.64 11.83 22.41
CA ALA A 248 -4.03 13.11 21.83
C ALA A 248 -3.34 13.24 20.46
N GLU A 249 -2.17 12.62 20.32
CA GLU A 249 -1.40 12.70 19.09
C GLU A 249 -1.67 11.56 18.10
N ARG A 250 -1.74 10.32 18.59
CA ARG A 250 -1.96 9.18 17.71
C ARG A 250 -3.43 8.81 17.47
N SER A 251 -4.27 9.00 18.48
CA SER A 251 -5.68 8.68 18.32
C SER A 251 -6.53 9.84 18.81
N PRO A 252 -6.34 11.03 18.21
CA PRO A 252 -7.12 12.19 18.63
C PRO A 252 -8.64 11.99 18.53
N GLU A 253 -9.08 11.19 17.57
CA GLU A 253 -10.51 10.95 17.42
C GLU A 253 -11.12 10.34 18.68
N VAL A 254 -10.44 9.37 19.27
CA VAL A 254 -10.93 8.71 20.48
C VAL A 254 -10.73 9.57 21.72
N TRP A 255 -9.58 10.25 21.77
CA TRP A 255 -9.24 11.14 22.88
C TRP A 255 -10.33 12.20 23.07
N PHE A 256 -10.75 12.82 21.96
CA PHE A 256 -11.79 13.83 21.97
C PHE A 256 -13.08 13.28 22.59
N VAL A 257 -13.58 12.17 22.05
CA VAL A 257 -14.80 11.57 22.55
C VAL A 257 -14.74 11.22 24.03
N GLN A 258 -13.59 10.75 24.51
CA GLN A 258 -13.50 10.40 25.93
C GLN A 258 -13.53 11.62 26.85
N GLN A 259 -12.99 12.75 26.38
CA GLN A 259 -13.03 13.96 27.21
C GLN A 259 -14.49 14.42 27.36
N GLU A 260 -15.25 14.38 26.27
CA GLU A 260 -16.64 14.81 26.33
C GLU A 260 -17.48 13.83 27.17
N MET A 261 -17.20 12.53 27.05
CA MET A 261 -17.96 11.59 27.84
C MET A 261 -17.78 11.90 29.33
N LYS A 262 -16.56 12.28 29.71
CA LYS A 262 -16.29 12.61 31.10
C LYS A 262 -17.06 13.86 31.52
N ARG A 263 -17.20 14.81 30.61
CA ARG A 263 -17.89 16.06 30.89
C ARG A 263 -19.39 15.89 31.11
N HIS A 264 -20.03 15.08 30.28
CA HIS A 264 -21.47 14.91 30.39
C HIS A 264 -22.00 13.61 30.98
N GLY A 265 -21.21 12.55 30.94
CA GLY A 265 -21.66 11.28 31.48
C GLY A 265 -22.29 10.40 30.40
N VAL A 266 -22.39 9.10 30.68
CA VAL A 266 -22.95 8.13 29.74
C VAL A 266 -23.90 7.14 30.44
N ASP A 267 -25.09 6.93 29.85
CA ASP A 267 -26.09 6.01 30.39
C ASP A 267 -26.48 4.95 29.36
N LEU A 268 -25.82 5.00 28.21
CA LEU A 268 -26.04 4.04 27.14
C LEU A 268 -25.03 4.34 26.07
N PHE A 269 -24.48 3.28 25.46
CA PHE A 269 -23.47 3.46 24.43
C PHE A 269 -23.53 2.40 23.33
N LEU A 270 -23.73 2.85 22.09
CA LEU A 270 -23.77 1.94 20.94
C LEU A 270 -22.61 2.31 20.02
N ASP A 271 -21.80 1.31 19.63
CA ASP A 271 -20.66 1.54 18.74
C ASP A 271 -21.05 0.82 17.45
N ILE A 272 -21.27 1.58 16.39
CA ILE A 272 -21.72 1.02 15.13
C ILE A 272 -20.60 0.60 14.17
N HIS A 273 -20.59 -0.69 13.83
CA HIS A 273 -19.58 -1.25 12.95
C HIS A 273 -20.20 -2.07 11.81
N GLY A 274 -19.33 -2.69 11.03
CA GLY A 274 -19.75 -3.54 9.92
C GLY A 274 -18.86 -4.76 9.95
N ASP A 275 -19.44 -5.94 9.72
CA ASP A 275 -18.63 -7.17 9.73
C ASP A 275 -18.54 -7.78 8.34
N GLU A 276 -17.32 -8.06 7.90
CA GLU A 276 -17.07 -8.64 6.57
C GLU A 276 -17.58 -10.07 6.37
N GLU A 277 -17.36 -10.89 7.39
CA GLU A 277 -17.73 -12.31 7.39
C GLU A 277 -19.21 -12.70 7.59
N ILE A 278 -19.76 -12.39 8.76
CA ILE A 278 -21.13 -12.78 9.13
C ILE A 278 -22.27 -12.12 8.36
N PRO A 279 -23.07 -12.94 7.63
CA PRO A 279 -24.20 -12.43 6.86
C PRO A 279 -25.48 -12.27 7.70
N HIS A 280 -25.36 -11.56 8.82
CA HIS A 280 -26.49 -11.33 9.72
C HIS A 280 -26.20 -10.07 10.53
N VAL A 281 -27.24 -9.32 10.84
CA VAL A 281 -27.09 -8.14 11.68
C VAL A 281 -27.14 -8.70 13.11
N PHE A 282 -26.20 -8.26 13.94
CA PHE A 282 -26.17 -8.73 15.32
C PHE A 282 -25.54 -7.71 16.26
N ALA A 283 -25.52 -8.04 17.55
CA ALA A 283 -24.94 -7.12 18.53
C ALA A 283 -24.09 -7.86 19.55
N ALA A 284 -22.88 -7.35 19.78
CA ALA A 284 -21.99 -7.95 20.75
C ALA A 284 -22.14 -7.13 22.02
N GLY A 285 -22.12 -7.80 23.17
CA GLY A 285 -22.28 -7.13 24.45
C GLY A 285 -21.01 -7.01 25.27
N CYS A 286 -21.15 -6.81 26.57
CA CYS A 286 -20.02 -6.67 27.48
C CYS A 286 -19.91 -7.84 28.46
N GLU A 287 -20.43 -9.00 28.11
CA GLU A 287 -20.40 -10.13 29.04
C GLU A 287 -19.02 -10.50 29.56
N GLY A 288 -17.96 -9.96 28.96
CA GLY A 288 -16.62 -10.28 29.42
C GLY A 288 -16.03 -9.28 30.39
N ASN A 289 -16.76 -8.20 30.66
CA ASN A 289 -16.30 -7.14 31.56
C ASN A 289 -16.29 -7.53 33.03
N PRO A 290 -15.18 -7.22 33.73
CA PRO A 290 -15.10 -7.53 35.16
C PRO A 290 -16.27 -6.83 35.86
N GLY A 291 -16.75 -5.76 35.24
CA GLY A 291 -17.88 -5.03 35.81
C GLY A 291 -19.24 -5.45 35.27
N TYR A 292 -19.33 -6.61 34.62
CA TYR A 292 -20.58 -7.12 34.07
C TYR A 292 -21.53 -7.58 35.16
N THR A 293 -22.45 -6.71 35.53
CA THR A 293 -23.42 -6.96 36.59
C THR A 293 -24.71 -7.62 36.12
N PRO A 294 -25.49 -8.18 37.07
CA PRO A 294 -26.76 -8.84 36.72
C PRO A 294 -27.67 -7.81 36.05
N ARG A 295 -27.61 -6.56 36.50
CA ARG A 295 -28.41 -5.48 35.93
C ARG A 295 -28.08 -5.29 34.45
N LEU A 296 -26.80 -5.30 34.13
CA LEU A 296 -26.38 -5.12 32.74
C LEU A 296 -26.71 -6.34 31.88
N GLU A 297 -26.68 -7.52 32.47
CA GLU A 297 -27.00 -8.73 31.73
C GLU A 297 -28.49 -8.71 31.37
N ARG A 298 -29.30 -8.20 32.29
CA ARG A 298 -30.74 -8.11 32.09
C ARG A 298 -31.05 -7.10 30.98
N LEU A 299 -30.46 -5.91 31.08
CA LEU A 299 -30.67 -4.87 30.08
C LEU A 299 -30.27 -5.33 28.68
N GLU A 300 -29.16 -6.05 28.57
CA GLU A 300 -28.73 -6.52 27.26
C GLU A 300 -29.77 -7.47 26.67
N GLN A 301 -30.40 -8.26 27.53
CA GLN A 301 -31.43 -9.20 27.10
C GLN A 301 -32.65 -8.41 26.63
N ARG A 302 -32.98 -7.36 27.37
CA ARG A 302 -34.12 -6.54 27.01
C ARG A 302 -33.87 -5.89 25.65
N PHE A 303 -32.74 -5.21 25.51
CA PHE A 303 -32.40 -4.53 24.27
C PHE A 303 -32.53 -5.40 23.02
N ARG A 304 -31.92 -6.58 23.05
CA ARG A 304 -31.94 -7.49 21.90
C ARG A 304 -33.35 -8.01 21.62
N GLU A 305 -34.09 -8.23 22.70
CA GLU A 305 -35.45 -8.72 22.60
C GLU A 305 -36.33 -7.68 21.91
N GLU A 306 -36.21 -6.42 22.34
CA GLU A 306 -36.99 -5.35 21.74
C GLU A 306 -36.57 -5.05 20.31
N LEU A 307 -35.27 -5.00 20.03
CA LEU A 307 -34.81 -4.73 18.67
C LEU A 307 -35.19 -5.87 17.72
N MET A 308 -35.08 -7.11 18.19
CA MET A 308 -35.42 -8.27 17.38
C MET A 308 -36.87 -8.23 16.94
N ALA A 309 -37.73 -7.67 17.78
CA ALA A 309 -39.15 -7.57 17.47
C ALA A 309 -39.47 -6.45 16.47
N ARG A 310 -38.55 -5.50 16.31
CA ARG A 310 -38.76 -4.36 15.42
C ARG A 310 -37.94 -4.28 14.14
N GLY A 311 -36.64 -4.55 14.20
CA GLY A 311 -35.83 -4.42 13.00
C GLY A 311 -35.18 -5.65 12.39
N GLU A 312 -34.30 -5.44 11.40
CA GLU A 312 -33.62 -6.56 10.79
C GLU A 312 -32.45 -6.79 11.72
N PHE A 313 -32.70 -7.67 12.69
CA PHE A 313 -31.74 -7.98 13.74
C PHE A 313 -32.04 -9.38 14.23
N GLN A 314 -31.01 -10.16 14.50
CA GLN A 314 -31.19 -11.52 14.95
C GLN A 314 -30.24 -11.80 16.11
N ILE A 315 -30.42 -12.96 16.75
CA ILE A 315 -29.61 -13.31 17.91
C ILE A 315 -28.96 -14.69 17.81
N ARG A 316 -29.20 -15.39 16.71
CA ARG A 316 -28.64 -16.72 16.51
C ARG A 316 -27.15 -16.69 16.19
N HIS A 317 -26.73 -15.70 15.41
CA HIS A 317 -25.33 -15.59 15.00
C HIS A 317 -24.63 -14.32 15.45
N GLY A 318 -23.32 -14.44 15.61
CA GLY A 318 -22.52 -13.32 16.04
C GLY A 318 -21.13 -13.81 16.42
N TYR A 319 -20.39 -12.99 17.16
CA TYR A 319 -19.05 -13.36 17.58
C TYR A 319 -19.12 -14.29 18.80
N PRO A 320 -18.10 -15.14 19.00
CA PRO A 320 -18.09 -16.05 20.16
C PRO A 320 -18.13 -15.16 21.40
N ARG A 321 -18.83 -15.58 22.44
CA ARG A 321 -18.90 -14.74 23.63
C ARG A 321 -17.60 -14.79 24.42
N SER A 322 -17.39 -13.75 25.22
CA SER A 322 -16.20 -13.66 26.04
C SER A 322 -16.41 -14.36 27.40
N ALA A 323 -15.38 -15.06 27.85
CA ALA A 323 -15.45 -15.75 29.13
C ALA A 323 -15.52 -14.67 30.23
N PRO A 324 -16.10 -15.00 31.40
CA PRO A 324 -16.20 -14.03 32.50
C PRO A 324 -14.91 -13.28 32.77
N GLY A 325 -15.00 -11.95 32.87
CA GLY A 325 -13.82 -11.14 33.15
C GLY A 325 -12.67 -11.15 32.16
N GLN A 326 -12.85 -11.75 30.99
CA GLN A 326 -11.77 -11.79 30.02
C GLN A 326 -11.89 -10.80 28.86
N ALA A 327 -12.76 -9.80 28.98
CA ALA A 327 -12.94 -8.83 27.90
C ALA A 327 -11.70 -7.97 27.66
N ASN A 328 -11.56 -7.43 26.45
CA ASN A 328 -10.44 -6.55 26.13
C ASN A 328 -10.96 -5.13 26.29
N LEU A 329 -10.52 -4.47 27.35
CA LEU A 329 -10.97 -3.12 27.61
C LEU A 329 -10.42 -2.03 26.69
N ALA A 330 -9.67 -2.41 25.66
CA ALA A 330 -9.12 -1.43 24.73
C ALA A 330 -10.20 -1.13 23.70
N LEU A 331 -11.28 -1.92 23.77
CA LEU A 331 -12.46 -1.82 22.92
C LEU A 331 -13.43 -0.77 23.47
N ALA A 332 -14.03 0.01 22.57
CA ALA A 332 -14.98 1.04 22.98
C ALA A 332 -16.13 0.50 23.82
N CYS A 333 -16.83 -0.49 23.28
CA CYS A 333 -17.98 -1.09 23.95
C CYS A 333 -17.70 -1.47 25.40
N ASN A 334 -16.67 -2.29 25.60
CA ASN A 334 -16.27 -2.71 26.94
C ASN A 334 -15.76 -1.55 27.79
N PHE A 335 -14.93 -0.70 27.22
CA PHE A 335 -14.38 0.41 27.97
C PHE A 335 -15.44 1.37 28.49
N VAL A 336 -16.33 1.80 27.61
CA VAL A 336 -17.38 2.73 27.98
C VAL A 336 -18.39 2.10 28.93
N GLY A 337 -18.83 0.89 28.58
CA GLY A 337 -19.81 0.20 29.42
C GLY A 337 -19.32 0.08 30.85
N GLN A 338 -18.06 -0.32 31.02
CA GLN A 338 -17.51 -0.50 32.35
C GLN A 338 -17.20 0.81 33.06
N THR A 339 -16.58 1.75 32.35
CA THR A 339 -16.21 3.04 32.93
C THR A 339 -17.45 3.78 33.46
N TYR A 340 -18.56 3.64 32.76
CA TYR A 340 -19.79 4.31 33.13
C TYR A 340 -20.91 3.40 33.64
N ASP A 341 -20.64 2.11 33.74
CA ASP A 341 -21.63 1.15 34.25
C ASP A 341 -22.95 1.34 33.50
N CYS A 342 -22.88 1.31 32.18
CA CYS A 342 -24.06 1.52 31.36
C CYS A 342 -24.21 0.43 30.30
N LEU A 343 -25.44 0.31 29.77
CA LEU A 343 -25.71 -0.66 28.72
C LEU A 343 -24.84 -0.23 27.53
N ALA A 344 -24.13 -1.17 26.93
CA ALA A 344 -23.26 -0.86 25.80
C ALA A 344 -23.19 -2.04 24.83
N PHE A 345 -23.27 -1.74 23.53
CA PHE A 345 -23.23 -2.73 22.47
C PHE A 345 -22.42 -2.26 21.29
N THR A 346 -21.84 -3.27 20.56
CA THR A 346 -21.17 -2.97 19.29
C THR A 346 -22.21 -3.53 18.32
N ILE A 347 -22.81 -2.63 17.42
CA ILE A 347 -23.80 -3.08 16.45
C ILE A 347 -23.08 -3.47 15.18
N GLU A 348 -23.41 -4.63 14.66
CA GLU A 348 -22.77 -5.12 13.45
C GLU A 348 -23.71 -5.33 12.28
N MET A 349 -23.40 -4.69 11.16
CA MET A 349 -24.18 -4.84 9.95
C MET A 349 -23.29 -5.57 8.95
N PRO A 350 -23.86 -6.49 8.15
CA PRO A 350 -23.12 -7.27 7.16
C PRO A 350 -22.71 -6.61 5.85
N PHE A 351 -21.56 -7.01 5.32
CA PHE A 351 -21.09 -6.51 4.04
C PHE A 351 -21.80 -7.35 2.98
N LYS A 352 -22.25 -8.54 3.40
CA LYS A 352 -22.95 -9.45 2.50
C LYS A 352 -24.43 -9.10 2.51
N ASP A 353 -25.26 -9.97 3.10
CA ASP A 353 -26.71 -9.72 3.17
C ASP A 353 -27.13 -10.13 4.58
N HIS A 354 -28.37 -9.82 4.95
CA HIS A 354 -28.91 -10.23 6.24
C HIS A 354 -29.75 -11.41 5.76
N ASP A 355 -29.11 -12.58 5.68
CA ASP A 355 -29.75 -13.80 5.17
C ASP A 355 -31.12 -14.13 5.70
N ASP A 356 -31.49 -13.62 6.87
CA ASP A 356 -32.82 -13.89 7.42
C ASP A 356 -33.85 -13.26 6.50
N ASN A 357 -33.50 -12.11 5.91
CA ASN A 357 -34.40 -11.44 4.96
C ASN A 357 -33.62 -11.22 3.67
N PRO A 358 -33.46 -12.28 2.87
CA PRO A 358 -32.72 -12.22 1.60
C PRO A 358 -33.20 -11.20 0.59
N GLU A 359 -32.25 -10.44 0.04
CA GLU A 359 -32.50 -9.43 -0.98
C GLU A 359 -31.21 -9.41 -1.80
N PRO A 360 -30.91 -10.52 -2.49
CA PRO A 360 -29.72 -10.74 -3.33
C PRO A 360 -29.33 -9.62 -4.29
N GLY A 361 -30.33 -8.95 -4.86
CA GLY A 361 -30.06 -7.90 -5.83
C GLY A 361 -29.29 -6.72 -5.30
N THR A 362 -29.43 -6.46 -4.01
CA THR A 362 -28.75 -5.33 -3.38
C THR A 362 -27.95 -5.77 -2.15
N GLY A 363 -28.31 -6.91 -1.56
CA GLY A 363 -27.62 -7.37 -0.37
C GLY A 363 -27.91 -6.36 0.73
N TRP A 364 -27.07 -6.28 1.76
CA TRP A 364 -27.30 -5.28 2.79
C TRP A 364 -26.98 -3.97 2.08
N SER A 365 -27.71 -2.90 2.38
CA SER A 365 -27.50 -1.63 1.68
C SER A 365 -27.45 -0.41 2.59
N GLY A 366 -27.30 0.76 1.98
CA GLY A 366 -27.27 1.99 2.76
C GLY A 366 -28.68 2.24 3.28
N ALA A 367 -29.68 1.89 2.48
CA ALA A 367 -31.09 2.10 2.88
C ALA A 367 -31.49 1.23 4.05
N ARG A 368 -31.09 -0.05 4.02
CA ARG A 368 -31.40 -0.98 5.10
C ARG A 368 -30.63 -0.60 6.37
N SER A 369 -29.47 0.05 6.17
CA SER A 369 -28.66 0.51 7.30
C SER A 369 -29.40 1.65 7.97
N LYS A 370 -29.95 2.55 7.15
CA LYS A 370 -30.70 3.68 7.66
C LYS A 370 -31.90 3.18 8.47
N ARG A 371 -32.69 2.28 7.88
CA ARG A 371 -33.86 1.72 8.56
C ARG A 371 -33.49 1.07 9.89
N LEU A 372 -32.34 0.42 9.96
CA LEU A 372 -31.92 -0.20 11.20
C LEU A 372 -31.70 0.92 12.21
N GLY A 373 -31.11 2.02 11.75
CA GLY A 373 -30.86 3.16 12.63
C GLY A 373 -32.14 3.70 13.25
N GLN A 374 -33.21 3.74 12.47
CA GLN A 374 -34.47 4.26 12.98
C GLN A 374 -35.16 3.21 13.86
N ASP A 375 -34.94 1.93 13.58
CA ASP A 375 -35.57 0.91 14.41
C ASP A 375 -34.91 0.88 15.78
N VAL A 376 -33.61 1.15 15.81
CA VAL A 376 -32.86 1.18 17.07
C VAL A 376 -33.40 2.30 17.96
N LEU A 377 -33.83 3.40 17.35
CA LEU A 377 -34.38 4.49 18.15
C LEU A 377 -35.66 3.99 18.84
N SER A 378 -36.46 3.22 18.11
CA SER A 378 -37.69 2.67 18.68
C SER A 378 -37.40 1.77 19.88
N THR A 379 -36.31 1.03 19.79
CA THR A 379 -35.91 0.15 20.89
C THR A 379 -35.53 0.99 22.11
N LEU A 380 -34.74 2.03 21.89
CA LEU A 380 -34.32 2.89 23.00
C LEU A 380 -35.55 3.51 23.70
N ALA A 381 -36.51 3.99 22.92
CA ALA A 381 -37.70 4.59 23.50
C ALA A 381 -38.38 3.61 24.44
N VAL A 382 -38.38 2.34 24.07
CA VAL A 382 -39.00 1.31 24.88
C VAL A 382 -38.25 1.04 26.19
N LEU A 383 -36.92 1.10 26.14
CA LEU A 383 -36.07 0.83 27.29
C LEU A 383 -35.66 2.02 28.13
N VAL A 384 -35.93 3.22 27.64
CA VAL A 384 -35.51 4.43 28.33
C VAL A 384 -35.70 4.41 29.85
N ASP A 385 -36.80 3.86 30.34
CA ASP A 385 -37.07 3.80 31.79
C ASP A 385 -36.32 2.69 32.55
N GLU A 386 -35.56 1.84 31.85
CA GLU A 386 -34.85 0.78 32.54
C GLU A 386 -33.33 1.03 32.61
N LEU A 387 -32.83 1.89 31.74
CA LEU A 387 -31.41 2.21 31.69
C LEU A 387 -30.79 2.64 33.02
N ARG A 388 -31.54 3.42 33.80
CA ARG A 388 -31.11 3.88 35.10
C ARG A 388 -32.29 3.79 36.06
N MET B 14 3.08 24.63 3.32
CA MET B 14 4.09 23.56 3.04
C MET B 14 3.33 22.29 2.71
N GLN B 15 3.70 21.64 1.61
CA GLN B 15 3.03 20.42 1.19
C GLN B 15 4.02 19.38 0.70
N ILE B 16 3.64 18.11 0.85
CA ILE B 16 4.50 17.02 0.43
C ILE B 16 3.75 16.17 -0.60
N ARG B 17 4.40 15.85 -1.71
CA ARG B 17 3.75 15.04 -2.74
C ARG B 17 4.69 14.01 -3.36
N ALA B 18 4.12 13.04 -4.07
CA ALA B 18 4.90 12.01 -4.74
C ALA B 18 4.22 11.62 -6.05
N ASP B 19 3.46 12.56 -6.60
CA ASP B 19 2.75 12.30 -7.84
C ASP B 19 3.63 12.52 -9.07
N PHE B 20 4.68 11.71 -9.19
CA PHE B 20 5.61 11.81 -10.32
C PHE B 20 6.35 10.49 -10.49
N ASP B 21 7.16 10.37 -11.55
CA ASP B 21 7.91 9.16 -11.83
C ASP B 21 8.76 8.68 -10.64
N SER B 22 8.54 7.44 -10.22
CA SER B 22 9.23 6.78 -9.10
C SER B 22 8.84 7.32 -7.72
N GLY B 23 7.83 8.18 -7.68
CA GLY B 23 7.39 8.71 -6.41
C GLY B 23 6.82 7.63 -5.50
N ASN B 24 7.12 7.71 -4.21
CA ASN B 24 6.59 6.75 -3.25
C ASN B 24 6.59 7.30 -1.84
N ILE B 25 5.39 7.55 -1.32
CA ILE B 25 5.20 8.08 0.03
C ILE B 25 3.71 8.26 0.34
N GLN B 26 3.37 8.22 1.62
CA GLN B 26 2.00 8.44 2.07
C GLN B 26 2.18 9.47 3.17
N VAL B 27 1.51 10.60 3.06
CA VAL B 27 1.63 11.66 4.05
C VAL B 27 0.67 11.48 5.21
N ILE B 28 1.22 11.35 6.41
CA ILE B 28 0.40 11.17 7.60
C ILE B 28 0.02 12.53 8.19
N ASP B 29 1.03 13.33 8.52
CA ASP B 29 0.82 14.66 9.08
C ASP B 29 2.03 15.53 8.77
N ALA B 30 1.78 16.65 8.09
CA ALA B 30 2.83 17.60 7.71
C ALA B 30 2.47 19.01 8.13
N SER B 31 1.78 19.12 9.25
CA SER B 31 1.35 20.42 9.77
C SER B 31 2.45 21.08 10.58
N ASP B 32 3.31 20.27 11.18
CA ASP B 32 4.39 20.75 12.00
C ASP B 32 5.75 20.31 11.44
N PRO B 33 6.54 21.27 10.93
CA PRO B 33 7.86 21.03 10.34
C PRO B 33 8.82 20.31 11.30
N ARG B 34 8.55 20.40 12.59
CA ARG B 34 9.40 19.77 13.60
C ARG B 34 8.99 18.33 13.86
N ARG B 35 7.91 17.90 13.23
CA ARG B 35 7.41 16.54 13.41
C ARG B 35 6.60 16.09 12.20
N ILE B 36 7.27 15.96 11.06
CA ILE B 36 6.60 15.52 9.83
C ILE B 36 6.52 13.98 9.85
N ARG B 37 5.31 13.46 9.73
CA ARG B 37 5.06 12.02 9.75
C ARG B 37 4.65 11.50 8.36
N LEU B 38 5.41 10.54 7.85
CA LEU B 38 5.14 9.96 6.52
C LEU B 38 5.25 8.45 6.62
N ALA B 39 4.72 7.74 5.62
CA ALA B 39 4.78 6.29 5.59
C ALA B 39 5.18 5.83 4.19
N ILE B 40 5.89 4.71 4.10
CA ILE B 40 6.29 4.20 2.78
C ILE B 40 5.09 3.40 2.28
N ARG B 41 4.91 3.37 0.96
CA ARG B 41 3.77 2.66 0.36
C ARG B 41 4.21 1.31 -0.22
N PRO B 42 3.43 0.25 0.03
CA PRO B 42 3.77 -1.09 -0.48
C PRO B 42 3.74 -1.13 -2.02
N ASP B 43 4.40 -2.12 -2.60
CA ASP B 43 4.40 -2.27 -4.05
C ASP B 43 2.96 -2.40 -4.55
N LEU B 44 2.75 -2.15 -5.84
CA LEU B 44 1.41 -2.22 -6.42
C LEU B 44 0.64 -3.49 -6.10
N ALA B 45 1.28 -4.63 -6.28
CA ALA B 45 0.63 -5.92 -6.03
C ALA B 45 1.41 -6.88 -5.15
N SER B 46 2.17 -6.33 -4.20
CA SER B 46 2.93 -7.15 -3.25
C SER B 46 3.13 -6.38 -1.95
N GLN B 47 3.47 -7.08 -0.88
CA GLN B 47 3.64 -6.43 0.41
C GLN B 47 4.98 -5.70 0.58
N HIS B 48 5.92 -5.92 -0.34
CA HIS B 48 7.23 -5.29 -0.24
C HIS B 48 7.26 -3.77 -0.31
N PHE B 49 8.19 -3.18 0.44
CA PHE B 49 8.42 -1.73 0.41
C PHE B 49 9.67 -1.37 1.18
N GLN B 50 10.35 -0.33 0.69
CA GLN B 50 11.56 0.21 1.29
C GLN B 50 11.89 1.50 0.54
N TRP B 51 11.76 1.46 -0.78
CA TRP B 51 12.03 2.61 -1.62
C TRP B 51 11.02 3.71 -1.31
N PHE B 52 11.51 4.94 -1.21
CA PHE B 52 10.67 6.10 -0.95
C PHE B 52 11.22 7.26 -1.77
N HIS B 53 10.35 8.21 -2.13
CA HIS B 53 10.75 9.35 -2.94
C HIS B 53 9.63 10.36 -2.95
N PHE B 54 9.88 11.52 -2.38
CA PHE B 54 8.85 12.55 -2.35
C PHE B 54 9.44 13.93 -2.47
N LYS B 55 8.56 14.90 -2.71
CA LYS B 55 8.96 16.30 -2.86
C LYS B 55 8.27 17.18 -1.82
N VAL B 56 9.06 18.02 -1.16
CA VAL B 56 8.54 18.94 -0.15
C VAL B 56 8.62 20.34 -0.77
N GLU B 57 7.49 21.06 -0.77
CA GLU B 57 7.44 22.41 -1.32
C GLU B 57 6.92 23.39 -0.28
N GLY B 58 7.28 24.66 -0.45
CA GLY B 58 6.82 25.70 0.47
C GLY B 58 7.42 25.65 1.87
N MET B 59 8.69 25.25 1.97
CA MET B 59 9.35 25.18 3.28
C MET B 59 9.89 26.52 3.75
N ALA B 60 9.64 26.85 5.01
CA ALA B 60 10.12 28.11 5.57
C ALA B 60 11.63 28.07 5.72
N PRO B 61 12.31 29.20 5.45
CA PRO B 61 13.78 29.31 5.55
C PRO B 61 14.27 29.33 6.99
N ALA B 62 15.54 28.97 7.18
CA ALA B 62 16.14 28.96 8.52
C ALA B 62 15.25 28.19 9.50
N THR B 63 14.66 27.10 9.01
CA THR B 63 13.79 26.29 9.85
C THR B 63 14.24 24.85 9.76
N GLU B 64 14.47 24.22 10.90
CA GLU B 64 14.88 22.83 10.87
C GLU B 64 13.62 22.01 10.65
N HIS B 65 13.68 21.09 9.70
CA HIS B 65 12.55 20.23 9.40
C HIS B 65 13.00 18.82 9.78
N CYS B 66 12.17 18.13 10.54
CA CYS B 66 12.49 16.78 10.97
C CYS B 66 11.44 15.81 10.42
N PHE B 67 11.92 14.82 9.66
CA PHE B 67 11.06 13.82 9.02
C PHE B 67 11.13 12.45 9.68
N THR B 68 10.06 11.66 9.51
CA THR B 68 10.00 10.31 10.07
C THR B 68 9.16 9.39 9.19
N LEU B 69 9.73 8.26 8.81
CA LEU B 69 9.01 7.25 8.03
C LEU B 69 8.56 6.28 9.13
N VAL B 70 7.34 6.50 9.62
CA VAL B 70 6.80 5.71 10.73
C VAL B 70 6.66 4.20 10.55
N ASN B 71 6.64 3.72 9.32
CA ASN B 71 6.48 2.28 9.09
C ASN B 71 7.72 1.61 8.54
N ALA B 72 8.88 2.26 8.71
CA ALA B 72 10.15 1.70 8.24
C ALA B 72 10.35 0.35 8.89
N GLY B 73 9.89 0.22 10.13
CA GLY B 73 10.03 -1.03 10.86
C GLY B 73 9.40 -2.24 10.22
N GLN B 74 8.49 -2.04 9.27
CA GLN B 74 7.82 -3.17 8.60
C GLN B 74 8.23 -3.31 7.13
N SER B 75 9.28 -2.59 6.73
CA SER B 75 9.75 -2.64 5.35
C SER B 75 10.35 -4.02 5.07
N ALA B 76 10.65 -4.30 3.80
CA ALA B 76 11.18 -5.60 3.41
C ALA B 76 12.53 -5.94 4.03
N TYR B 77 13.35 -4.94 4.30
CA TYR B 77 14.66 -5.17 4.89
C TYR B 77 14.86 -4.16 6.00
N SER B 78 14.02 -4.27 7.03
CA SER B 78 14.04 -3.38 8.19
C SER B 78 15.39 -3.29 8.91
N HIS B 79 16.16 -4.38 8.89
CA HIS B 79 17.46 -4.38 9.57
C HIS B 79 18.48 -3.55 8.79
N ALA B 80 18.14 -3.22 7.54
CA ALA B 80 19.03 -2.43 6.68
C ALA B 80 18.99 -0.95 6.97
N TRP B 81 18.04 -0.53 7.79
CA TRP B 81 17.90 0.88 8.12
C TRP B 81 19.05 1.37 8.98
N SER B 82 19.59 0.48 9.80
CA SER B 82 20.68 0.85 10.68
C SER B 82 21.92 1.24 9.89
N GLY B 83 22.38 2.46 10.11
CA GLY B 83 23.56 2.94 9.40
C GLY B 83 23.25 3.49 8.03
N TYR B 84 21.98 3.83 7.79
CA TYR B 84 21.55 4.38 6.50
C TYR B 84 21.26 5.89 6.56
N GLN B 85 21.63 6.60 5.52
CA GLN B 85 21.40 8.05 5.42
C GLN B 85 20.55 8.36 4.19
N ALA B 86 19.43 9.03 4.40
CA ALA B 86 18.54 9.38 3.28
C ALA B 86 19.28 10.30 2.32
N VAL B 87 18.74 10.44 1.11
CA VAL B 87 19.36 11.32 0.12
C VAL B 87 18.41 12.47 -0.18
N ALA B 88 18.97 13.66 -0.40
CA ALA B 88 18.17 14.85 -0.68
C ALA B 88 18.74 15.67 -1.85
N SER B 89 17.88 16.48 -2.46
CA SER B 89 18.31 17.31 -3.58
C SER B 89 17.38 18.49 -3.81
N TYR B 90 17.98 19.66 -4.04
CA TYR B 90 17.22 20.89 -4.28
C TYR B 90 16.83 21.07 -5.75
N ASP B 91 17.64 20.52 -6.65
CA ASP B 91 17.38 20.66 -8.09
C ASP B 91 17.22 19.35 -8.84
N GLY B 92 17.12 18.25 -8.10
CA GLY B 92 16.98 16.96 -8.74
C GLY B 92 18.19 16.59 -9.59
N GLU B 93 19.28 17.34 -9.46
CA GLU B 93 20.50 17.05 -10.22
C GLU B 93 21.64 16.66 -9.31
N ARG B 94 21.89 17.47 -8.28
CA ARG B 94 22.93 17.19 -7.31
C ARG B 94 22.26 16.60 -6.08
N TRP B 95 22.65 15.39 -5.72
CA TRP B 95 22.09 14.73 -4.54
C TRP B 95 23.13 14.67 -3.42
N PHE B 96 22.67 14.78 -2.17
CA PHE B 96 23.55 14.74 -1.01
C PHE B 96 22.86 14.02 0.17
N ARG B 97 23.65 13.41 1.03
CA ARG B 97 23.11 12.66 2.18
C ARG B 97 22.81 13.57 3.37
N VAL B 98 21.82 13.18 4.18
CA VAL B 98 21.44 13.96 5.34
C VAL B 98 21.50 13.15 6.64
N PRO B 99 21.67 13.84 7.79
CA PRO B 99 21.76 13.18 9.09
C PRO B 99 20.51 12.31 9.31
N SER B 100 20.72 11.03 9.60
CA SER B 100 19.61 10.10 9.80
C SER B 100 19.82 9.20 11.01
N GLN B 101 18.71 8.70 11.56
CA GLN B 101 18.73 7.79 12.70
C GLN B 101 17.60 6.78 12.58
N TYR B 102 17.78 5.62 13.17
CA TYR B 102 16.76 4.58 13.13
C TYR B 102 16.50 3.95 14.48
N ASP B 103 15.23 3.92 14.89
CA ASP B 103 14.82 3.31 16.15
C ASP B 103 13.44 2.69 15.99
N ALA B 104 12.84 2.27 17.09
CA ALA B 104 11.51 1.64 17.05
C ALA B 104 10.43 2.50 16.41
N ASP B 105 10.58 3.83 16.50
CA ASP B 105 9.61 4.75 15.92
C ASP B 105 9.80 4.92 14.41
N GLY B 106 10.87 4.34 13.87
CA GLY B 106 11.11 4.41 12.45
C GLY B 106 12.38 5.14 12.02
N LEU B 107 12.52 5.38 10.73
CA LEU B 107 13.69 6.08 10.20
C LEU B 107 13.47 7.57 10.28
N HIS B 108 14.42 8.28 10.89
CA HIS B 108 14.31 9.73 10.99
C HIS B 108 15.47 10.43 10.29
N PHE B 109 15.22 11.65 9.83
CA PHE B 109 16.27 12.45 9.21
C PHE B 109 15.88 13.91 9.30
N GLN B 110 16.88 14.79 9.37
CA GLN B 110 16.61 16.22 9.52
C GLN B 110 17.29 17.07 8.45
N LEU B 111 16.74 18.26 8.22
CA LEU B 111 17.30 19.19 7.26
C LEU B 111 16.76 20.61 7.45
N GLU B 112 17.67 21.58 7.44
CA GLU B 112 17.31 23.00 7.53
C GLU B 112 17.67 23.46 6.13
N PRO B 113 16.72 23.33 5.19
CA PRO B 113 16.85 23.69 3.77
C PRO B 113 17.29 25.10 3.36
N GLU B 114 18.08 25.13 2.28
CA GLU B 114 18.59 26.35 1.71
C GLU B 114 17.59 26.88 0.69
N GLU B 115 16.66 26.03 0.27
CA GLU B 115 15.63 26.42 -0.69
C GLU B 115 14.23 26.19 -0.12
N SER B 116 13.21 26.69 -0.82
CA SER B 116 11.83 26.55 -0.37
C SER B 116 11.29 25.17 -0.71
N GLU B 117 12.04 24.41 -1.49
CA GLU B 117 11.63 23.07 -1.86
C GLU B 117 12.80 22.14 -2.09
N VAL B 118 12.61 20.89 -1.70
CA VAL B 118 13.64 19.88 -1.83
C VAL B 118 12.94 18.55 -2.06
N ARG B 119 13.73 17.52 -2.31
CA ARG B 119 13.18 16.18 -2.50
C ARG B 119 14.08 15.17 -1.83
N PHE B 120 13.48 14.09 -1.34
CA PHE B 120 14.24 13.03 -0.68
C PHE B 120 13.95 11.72 -1.38
N ALA B 121 14.90 10.80 -1.28
CA ALA B 121 14.72 9.48 -1.89
C ALA B 121 15.68 8.51 -1.24
N TYR B 122 15.40 7.23 -1.40
CA TYR B 122 16.23 6.16 -0.83
C TYR B 122 17.57 6.12 -1.59
N PHE B 123 17.57 6.62 -2.82
CA PHE B 123 18.77 6.67 -3.67
C PHE B 123 18.50 7.60 -4.85
N GLU B 124 19.56 8.12 -5.46
CA GLU B 124 19.47 9.00 -6.62
C GLU B 124 18.60 8.27 -7.67
N PRO B 125 17.40 8.79 -7.93
CA PRO B 125 16.47 8.19 -8.89
C PRO B 125 16.87 8.31 -10.35
N TYR B 126 16.46 7.32 -11.13
CA TYR B 126 16.70 7.29 -12.55
C TYR B 126 15.31 7.28 -13.19
N SER B 127 14.89 8.43 -13.69
CA SER B 127 13.56 8.58 -14.27
C SER B 127 13.42 7.92 -15.64
N ARG B 128 12.20 7.54 -15.99
CA ARG B 128 11.95 6.91 -17.27
C ARG B 128 12.28 7.93 -18.36
N GLU B 129 12.17 9.20 -18.01
CA GLU B 129 12.47 10.26 -18.96
C GLU B 129 13.97 10.16 -19.28
N ARG B 130 14.79 10.03 -18.23
CA ARG B 130 16.24 9.93 -18.45
C ARG B 130 16.52 8.67 -19.25
N HIS B 131 15.71 7.64 -19.01
CA HIS B 131 15.87 6.39 -19.72
C HIS B 131 15.73 6.63 -21.21
N ALA B 132 14.61 7.26 -21.60
CA ALA B 132 14.34 7.57 -23.00
C ALA B 132 15.52 8.30 -23.62
N ARG B 133 16.09 9.25 -22.87
CA ARG B 133 17.23 9.99 -23.36
C ARG B 133 18.45 9.08 -23.50
N LEU B 134 18.64 8.20 -22.51
CA LEU B 134 19.77 7.28 -22.55
C LEU B 134 19.69 6.41 -23.82
N VAL B 135 18.52 5.85 -24.12
CA VAL B 135 18.40 5.02 -25.31
C VAL B 135 18.65 5.84 -26.57
N GLU B 136 18.07 7.04 -26.65
CA GLU B 136 18.27 7.88 -27.82
C GLU B 136 19.75 8.23 -27.99
N ARG B 137 20.44 8.43 -26.86
CA ARG B 137 21.86 8.74 -26.85
C ARG B 137 22.65 7.55 -27.37
N ALA B 138 22.39 6.39 -26.79
CA ALA B 138 23.10 5.17 -27.17
C ALA B 138 22.95 4.88 -28.67
N LEU B 139 21.76 5.12 -29.22
CA LEU B 139 21.53 4.83 -30.63
C LEU B 139 22.35 5.71 -31.57
N GLY B 140 23.10 6.65 -31.00
CA GLY B 140 23.92 7.52 -31.81
C GLY B 140 25.39 7.14 -31.67
N ILE B 141 25.63 6.04 -31.00
CA ILE B 141 26.98 5.53 -30.76
C ILE B 141 27.28 4.47 -31.81
N GLU B 142 28.46 4.56 -32.41
CA GLU B 142 28.86 3.61 -33.43
C GLU B 142 28.63 2.16 -33.02
N GLY B 143 28.02 1.40 -33.91
CA GLY B 143 27.76 -0.01 -33.67
C GLY B 143 26.62 -0.37 -32.75
N VAL B 144 25.89 0.63 -32.25
CA VAL B 144 24.80 0.38 -31.33
C VAL B 144 23.45 0.37 -32.05
N GLU B 145 22.67 -0.67 -31.81
CA GLU B 145 21.35 -0.78 -32.42
C GLU B 145 20.36 -1.38 -31.43
N ARG B 146 19.08 -1.02 -31.59
CA ARG B 146 18.03 -1.54 -30.74
C ARG B 146 17.61 -2.84 -31.39
N LEU B 147 18.28 -3.92 -30.98
CA LEU B 147 18.04 -5.25 -31.52
C LEU B 147 16.62 -5.78 -31.39
N ALA B 148 16.01 -5.54 -30.22
CA ALA B 148 14.66 -6.01 -29.96
C ALA B 148 13.99 -5.15 -28.90
N VAL B 149 12.67 -5.25 -28.82
CA VAL B 149 11.91 -4.50 -27.83
C VAL B 149 10.84 -5.38 -27.19
N GLY B 150 10.95 -5.59 -25.89
CA GLY B 150 9.99 -6.39 -25.17
C GLY B 150 8.90 -5.47 -24.66
N THR B 151 7.82 -6.04 -24.13
CA THR B 151 6.72 -5.23 -23.63
C THR B 151 6.39 -5.58 -22.17
N SER B 152 6.28 -4.56 -21.33
CA SER B 152 6.00 -4.80 -19.91
C SER B 152 4.53 -5.17 -19.70
N VAL B 153 4.19 -5.58 -18.50
CA VAL B 153 2.81 -5.94 -18.22
C VAL B 153 1.92 -4.76 -18.57
N GLN B 154 2.42 -3.54 -18.36
CA GLN B 154 1.63 -2.34 -18.65
C GLN B 154 1.95 -1.63 -19.97
N GLY B 155 2.59 -2.36 -20.89
CA GLY B 155 2.89 -1.79 -22.20
C GLY B 155 4.14 -0.94 -22.40
N ARG B 156 4.99 -0.78 -21.38
CA ARG B 156 6.20 0.01 -21.53
C ARG B 156 7.27 -0.78 -22.28
N ASP B 157 8.18 -0.09 -22.95
CA ASP B 157 9.24 -0.76 -23.71
C ASP B 157 10.35 -1.32 -22.85
N ILE B 158 10.90 -2.45 -23.28
CA ILE B 158 12.03 -3.09 -22.62
C ILE B 158 13.06 -3.27 -23.73
N GLU B 159 13.84 -2.21 -23.98
CA GLU B 159 14.84 -2.25 -25.03
C GLU B 159 16.03 -3.16 -24.77
N LEU B 160 16.39 -3.93 -25.80
CA LEU B 160 17.55 -4.82 -25.76
C LEU B 160 18.49 -4.19 -26.78
N LEU B 161 19.58 -3.60 -26.30
CA LEU B 161 20.53 -2.96 -27.19
C LEU B 161 21.72 -3.86 -27.47
N ARG B 162 22.14 -3.93 -28.73
CA ARG B 162 23.31 -4.72 -29.08
C ARG B 162 24.41 -3.82 -29.64
N VAL B 163 25.61 -3.96 -29.08
CA VAL B 163 26.74 -3.19 -29.56
C VAL B 163 27.54 -4.19 -30.39
N ARG B 164 27.56 -3.98 -31.70
CA ARG B 164 28.26 -4.88 -32.63
C ARG B 164 29.05 -4.05 -33.63
N ARG B 165 30.38 -4.11 -33.56
CA ARG B 165 31.21 -3.32 -34.47
C ARG B 165 32.04 -4.13 -35.46
N HIS B 166 31.95 -5.46 -35.42
CA HIS B 166 32.69 -6.31 -36.34
C HIS B 166 31.93 -7.59 -36.68
N PRO B 167 31.86 -7.93 -37.97
CA PRO B 167 31.16 -9.13 -38.45
C PRO B 167 31.79 -10.44 -38.01
N ASP B 168 33.01 -10.40 -37.48
CA ASP B 168 33.68 -11.61 -37.04
C ASP B 168 33.62 -11.84 -35.52
N SER B 169 32.72 -11.13 -34.86
CA SER B 169 32.55 -11.29 -33.41
C SER B 169 32.07 -12.73 -33.15
N HIS B 170 32.38 -13.27 -31.97
CA HIS B 170 31.97 -14.63 -31.66
C HIS B 170 31.42 -14.83 -30.25
N LEU B 171 31.65 -13.86 -29.37
CA LEU B 171 31.16 -13.97 -28.01
C LEU B 171 29.99 -13.02 -27.73
N LYS B 172 29.03 -13.49 -26.94
CA LYS B 172 27.87 -12.68 -26.60
C LYS B 172 27.87 -12.43 -25.08
N LEU B 173 28.17 -11.19 -24.69
CA LEU B 173 28.21 -10.82 -23.28
C LEU B 173 26.92 -10.08 -22.90
N TRP B 174 26.14 -10.66 -22.00
CA TRP B 174 24.87 -10.05 -21.58
C TRP B 174 24.92 -9.28 -20.27
N VAL B 175 24.19 -8.18 -20.21
CA VAL B 175 24.12 -7.36 -19.00
C VAL B 175 22.73 -6.74 -18.88
N ILE B 176 21.96 -7.17 -17.89
CA ILE B 176 20.62 -6.63 -17.70
C ILE B 176 20.58 -5.93 -16.34
N ALA B 177 19.74 -4.92 -16.20
CA ALA B 177 19.70 -4.20 -14.94
C ALA B 177 18.32 -3.84 -14.38
N GLN B 178 18.29 -3.61 -13.08
CA GLN B 178 17.11 -3.23 -12.33
C GLN B 178 15.89 -4.15 -12.40
N GLN B 179 16.09 -5.46 -12.18
CA GLN B 179 14.96 -6.39 -12.16
C GLN B 179 14.07 -6.01 -10.96
N HIS B 180 14.72 -5.43 -9.95
CA HIS B 180 14.04 -4.95 -8.74
C HIS B 180 14.04 -3.45 -8.99
N PRO B 181 12.85 -2.86 -9.14
CA PRO B 181 12.67 -1.43 -9.40
C PRO B 181 13.25 -0.37 -8.47
N GLY B 182 13.34 -0.66 -7.18
CA GLY B 182 13.87 0.32 -6.25
C GLY B 182 15.38 0.52 -6.26
N GLU B 183 16.08 -0.42 -6.88
CA GLU B 183 17.54 -0.40 -6.96
C GLU B 183 18.00 0.43 -8.17
N HIS B 184 17.74 1.73 -8.11
CA HIS B 184 18.08 2.63 -9.21
C HIS B 184 19.56 2.73 -9.57
N MET B 185 20.42 2.28 -8.67
CA MET B 185 21.85 2.32 -8.96
C MET B 185 22.14 1.46 -10.19
N ALA B 186 21.31 0.45 -10.40
CA ALA B 186 21.47 -0.45 -11.54
C ALA B 186 21.53 0.27 -12.89
N GLU B 187 20.53 1.10 -13.20
CA GLU B 187 20.54 1.80 -14.49
C GLU B 187 21.63 2.88 -14.60
N TRP B 188 22.01 3.49 -13.47
CA TRP B 188 23.09 4.47 -13.50
C TRP B 188 24.36 3.72 -13.96
N PHE B 189 24.48 2.48 -13.50
CA PHE B 189 25.59 1.59 -13.83
C PHE B 189 25.59 1.42 -15.35
N MET B 190 24.42 1.16 -15.91
CA MET B 190 24.27 0.96 -17.35
C MET B 190 24.57 2.25 -18.11
N GLU B 191 24.20 3.40 -17.55
CA GLU B 191 24.49 4.64 -18.24
C GLU B 191 26.02 4.76 -18.30
N GLY B 192 26.69 4.29 -17.25
CA GLY B 192 28.14 4.34 -17.20
C GLY B 192 28.78 3.47 -18.26
N LEU B 193 28.32 2.21 -18.32
CA LEU B 193 28.82 1.25 -19.29
C LEU B 193 28.62 1.74 -20.71
N ILE B 194 27.44 2.31 -20.99
CA ILE B 194 27.12 2.80 -22.32
C ILE B 194 27.92 4.02 -22.75
N GLU B 195 27.96 5.04 -21.91
CA GLU B 195 28.69 6.26 -22.23
C GLU B 195 30.16 6.08 -22.54
N ARG B 196 30.80 5.08 -21.94
CA ARG B 196 32.22 4.83 -22.19
C ARG B 196 32.48 4.48 -23.65
N LEU B 197 31.48 3.89 -24.30
CA LEU B 197 31.58 3.52 -25.70
C LEU B 197 31.73 4.74 -26.61
N GLN B 198 31.60 5.93 -26.04
CA GLN B 198 31.71 7.18 -26.81
C GLN B 198 33.13 7.74 -26.88
N ARG B 199 34.08 7.00 -26.31
CA ARG B 199 35.47 7.43 -26.30
C ARG B 199 36.13 7.19 -27.64
N PRO B 200 36.76 8.24 -28.20
CA PRO B 200 37.46 8.27 -29.49
C PRO B 200 38.50 7.16 -29.74
N ASP B 201 39.46 7.04 -28.83
CA ASP B 201 40.51 6.04 -29.00
C ASP B 201 40.65 5.12 -27.77
N ASP B 202 39.65 4.29 -27.55
CA ASP B 202 39.68 3.37 -26.43
C ASP B 202 40.21 2.04 -26.95
N THR B 203 41.51 1.84 -26.75
CA THR B 203 42.19 0.62 -27.16
C THR B 203 41.55 -0.65 -26.59
N GLU B 204 41.24 -0.61 -25.30
CA GLU B 204 40.64 -1.76 -24.63
C GLU B 204 39.31 -2.16 -25.26
N MET B 205 38.45 -1.18 -25.44
CA MET B 205 37.14 -1.41 -26.03
C MET B 205 37.26 -1.88 -27.47
N GLN B 206 38.27 -1.34 -28.16
CA GLN B 206 38.50 -1.73 -29.55
C GLN B 206 38.72 -3.22 -29.64
N ARG B 207 39.64 -3.72 -28.82
CA ARG B 207 39.96 -5.13 -28.80
C ARG B 207 38.77 -5.95 -28.34
N LEU B 208 38.18 -5.56 -27.22
CA LEU B 208 37.03 -6.27 -26.68
C LEU B 208 35.95 -6.46 -27.73
N LEU B 209 35.59 -5.38 -28.42
CA LEU B 209 34.53 -5.49 -29.41
C LEU B 209 34.91 -6.26 -30.68
N GLU B 210 36.22 -6.44 -30.94
CA GLU B 210 36.63 -7.20 -32.12
C GLU B 210 36.33 -8.67 -31.85
N LYS B 211 36.16 -9.01 -30.58
CA LYS B 211 35.93 -10.39 -30.17
C LYS B 211 34.55 -10.66 -29.59
N ALA B 212 33.84 -9.60 -29.24
CA ALA B 212 32.53 -9.78 -28.64
C ALA B 212 31.52 -8.67 -28.92
N ASP B 213 30.25 -9.05 -28.79
CA ASP B 213 29.11 -8.15 -28.97
C ASP B 213 28.50 -7.99 -27.57
N LEU B 214 27.95 -6.82 -27.28
CA LEU B 214 27.34 -6.58 -25.98
C LEU B 214 25.81 -6.57 -26.09
N TYR B 215 25.15 -7.40 -25.28
CA TYR B 215 23.69 -7.47 -25.26
C TYR B 215 23.24 -6.81 -23.96
N LEU B 216 22.73 -5.58 -24.08
CA LEU B 216 22.33 -4.80 -22.91
C LEU B 216 20.85 -4.42 -22.76
N VAL B 217 20.37 -4.46 -21.52
CA VAL B 217 18.99 -4.09 -21.20
C VAL B 217 19.08 -3.14 -20.03
N PRO B 218 19.13 -1.83 -20.29
CA PRO B 218 19.22 -0.80 -19.26
C PRO B 218 18.18 -0.88 -18.11
N ASN B 219 17.01 -1.44 -18.37
CA ASN B 219 15.99 -1.56 -17.32
C ASN B 219 14.99 -2.69 -17.55
N MET B 220 15.06 -3.70 -16.70
CA MET B 220 14.19 -4.87 -16.78
C MET B 220 12.79 -4.69 -16.18
N ASN B 221 12.50 -3.54 -15.58
CA ASN B 221 11.20 -3.38 -14.92
C ASN B 221 10.70 -1.94 -14.97
N PRO B 222 10.39 -1.44 -16.18
CA PRO B 222 9.91 -0.07 -16.32
C PRO B 222 8.64 0.29 -15.53
N ASP B 223 7.69 -0.65 -15.43
CA ASP B 223 6.46 -0.37 -14.68
C ASP B 223 6.80 -0.16 -13.23
N GLY B 224 7.55 -1.11 -12.67
CA GLY B 224 7.94 -1.03 -11.27
C GLY B 224 8.69 0.27 -10.98
N ALA B 225 9.61 0.63 -11.85
CA ALA B 225 10.39 1.86 -11.64
C ALA B 225 9.47 3.05 -11.61
N PHE B 226 8.64 3.17 -12.64
CA PHE B 226 7.72 4.28 -12.77
C PHE B 226 6.77 4.47 -11.60
N HIS B 227 6.23 3.37 -11.09
CA HIS B 227 5.29 3.44 -9.97
C HIS B 227 5.91 3.45 -8.60
N GLY B 228 7.24 3.55 -8.53
CA GLY B 228 7.91 3.59 -7.25
C GLY B 228 7.91 2.31 -6.43
N ASN B 229 7.93 1.16 -7.10
CA ASN B 229 7.97 -0.13 -6.42
C ASN B 229 9.40 -0.39 -5.98
N LEU B 230 9.56 -1.32 -5.05
CA LEU B 230 10.87 -1.68 -4.58
C LEU B 230 11.31 -3.02 -5.13
N ARG B 231 10.42 -4.00 -5.01
CA ARG B 231 10.74 -5.37 -5.38
C ARG B 231 10.10 -6.04 -6.58
N THR B 232 8.83 -5.75 -6.85
CA THR B 232 8.15 -6.43 -7.94
C THR B 232 7.67 -5.63 -9.13
N ASN B 233 7.30 -6.35 -10.19
CA ASN B 233 6.77 -5.73 -11.41
C ASN B 233 5.28 -5.48 -11.20
N ALA B 234 4.62 -4.96 -12.23
CA ALA B 234 3.19 -4.64 -12.14
C ALA B 234 2.32 -5.72 -11.53
N ALA B 235 2.52 -6.95 -11.97
CA ALA B 235 1.73 -8.09 -11.48
C ALA B 235 2.14 -8.59 -10.09
N GLY B 236 3.02 -7.88 -9.42
CA GLY B 236 3.45 -8.30 -8.09
C GLY B 236 4.39 -9.48 -8.05
N GLN B 237 5.04 -9.74 -9.18
CA GLN B 237 5.99 -10.85 -9.29
C GLN B 237 7.41 -10.36 -9.10
N ASP B 238 8.21 -11.14 -8.37
CA ASP B 238 9.62 -10.80 -8.15
C ASP B 238 10.30 -11.32 -9.41
N LEU B 239 10.69 -10.41 -10.29
CA LEU B 239 11.30 -10.83 -11.54
C LEU B 239 12.52 -11.74 -11.36
N ASN B 240 13.27 -11.57 -10.27
CA ASN B 240 14.46 -12.41 -10.08
C ASN B 240 14.16 -13.77 -9.43
N ARG B 241 12.88 -14.15 -9.45
CA ARG B 241 12.46 -15.44 -8.92
C ARG B 241 11.61 -16.13 -9.98
N ALA B 242 11.53 -15.53 -11.17
CA ALA B 242 10.72 -16.05 -12.26
C ALA B 242 11.47 -16.63 -13.44
N TRP B 243 12.77 -16.89 -13.30
CA TRP B 243 13.54 -17.39 -14.41
C TRP B 243 13.39 -18.88 -14.64
N LEU B 244 12.87 -19.61 -13.67
CA LEU B 244 12.68 -21.04 -13.84
C LEU B 244 11.29 -21.28 -14.46
N GLU B 245 10.35 -20.40 -14.16
CA GLU B 245 8.99 -20.50 -14.68
C GLU B 245 8.44 -19.14 -15.13
N PRO B 246 9.07 -18.55 -16.16
CA PRO B 246 8.62 -17.25 -16.66
C PRO B 246 7.25 -17.36 -17.31
N SER B 247 6.55 -16.23 -17.39
CA SER B 247 5.21 -16.21 -17.95
C SER B 247 4.98 -14.94 -18.77
N ALA B 248 4.37 -15.11 -19.94
CA ALA B 248 4.10 -13.97 -20.79
C ALA B 248 3.12 -13.03 -20.11
N GLU B 249 2.39 -13.54 -19.12
CA GLU B 249 1.41 -12.70 -18.42
C GLU B 249 1.88 -12.11 -17.10
N ARG B 250 2.52 -12.94 -16.28
CA ARG B 250 2.99 -12.49 -14.97
C ARG B 250 4.41 -11.92 -14.99
N SER B 251 5.23 -12.41 -15.91
CA SER B 251 6.61 -11.97 -16.01
C SER B 251 7.10 -11.85 -17.45
N PRO B 252 6.44 -11.00 -18.26
CA PRO B 252 6.79 -10.80 -19.67
C PRO B 252 8.18 -10.17 -19.86
N GLU B 253 8.62 -9.39 -18.87
CA GLU B 253 9.93 -8.74 -18.89
C GLU B 253 11.04 -9.79 -18.97
N VAL B 254 10.90 -10.86 -18.18
CA VAL B 254 11.85 -11.96 -18.15
C VAL B 254 11.63 -12.94 -19.29
N TRP B 255 10.38 -13.18 -19.63
CA TRP B 255 10.06 -14.09 -20.73
C TRP B 255 10.72 -13.57 -22.01
N PHE B 256 10.67 -12.25 -22.18
CA PHE B 256 11.27 -11.61 -23.36
C PHE B 256 12.76 -11.91 -23.48
N VAL B 257 13.51 -11.52 -22.44
CA VAL B 257 14.94 -11.71 -22.41
C VAL B 257 15.35 -13.16 -22.60
N GLN B 258 14.62 -14.08 -21.99
CA GLN B 258 14.96 -15.49 -22.13
C GLN B 258 14.74 -15.97 -23.58
N GLN B 259 13.83 -15.31 -24.29
CA GLN B 259 13.60 -15.70 -25.67
C GLN B 259 14.77 -15.23 -26.52
N GLU B 260 15.26 -14.01 -26.28
CA GLU B 260 16.39 -13.49 -27.03
C GLU B 260 17.68 -14.27 -26.72
N MET B 261 17.84 -14.74 -25.48
CA MET B 261 19.03 -15.49 -25.13
C MET B 261 19.07 -16.82 -25.87
N LYS B 262 17.92 -17.46 -26.04
CA LYS B 262 17.86 -18.74 -26.74
C LYS B 262 18.22 -18.56 -28.21
N ARG B 263 17.87 -17.41 -28.78
CA ARG B 263 18.14 -17.14 -30.19
C ARG B 263 19.62 -16.83 -30.48
N HIS B 264 20.21 -15.93 -29.71
CA HIS B 264 21.59 -15.51 -29.92
C HIS B 264 22.68 -16.20 -29.11
N GLY B 265 22.33 -16.81 -27.97
CA GLY B 265 23.34 -17.47 -27.15
C GLY B 265 23.96 -16.57 -26.10
N VAL B 266 24.57 -17.16 -25.08
CA VAL B 266 25.18 -16.40 -23.98
C VAL B 266 26.55 -16.95 -23.55
N ASP B 267 27.55 -16.06 -23.46
CA ASP B 267 28.90 -16.45 -23.06
C ASP B 267 29.36 -15.74 -21.78
N LEU B 268 28.48 -14.90 -21.25
CA LEU B 268 28.75 -14.15 -20.02
C LEU B 268 27.44 -13.51 -19.61
N PHE B 269 27.15 -13.48 -18.31
CA PHE B 269 25.91 -12.88 -17.84
C PHE B 269 26.10 -12.09 -16.57
N LEU B 270 25.68 -10.83 -16.60
CA LEU B 270 25.79 -9.98 -15.43
C LEU B 270 24.41 -9.39 -15.11
N ASP B 271 23.96 -9.61 -13.87
CA ASP B 271 22.67 -9.11 -13.40
C ASP B 271 22.95 -8.02 -12.36
N ILE B 272 22.72 -6.75 -12.72
CA ILE B 272 23.00 -5.62 -11.85
C ILE B 272 21.93 -5.29 -10.80
N HIS B 273 22.32 -5.40 -9.55
CA HIS B 273 21.44 -5.17 -8.40
C HIS B 273 21.99 -4.16 -7.42
N GLY B 274 21.16 -3.85 -6.43
CA GLY B 274 21.54 -2.93 -5.37
C GLY B 274 21.16 -3.65 -4.09
N ASP B 275 21.98 -3.52 -3.06
CA ASP B 275 21.68 -4.18 -1.80
C ASP B 275 21.47 -3.18 -0.68
N GLU B 276 20.40 -3.37 0.07
CA GLU B 276 20.06 -2.47 1.18
C GLU B 276 20.99 -2.57 2.40
N GLU B 277 21.29 -3.78 2.81
CA GLU B 277 22.11 -4.06 4.00
C GLU B 277 23.62 -3.81 3.96
N ILE B 278 24.31 -4.53 3.08
CA ILE B 278 25.77 -4.49 2.97
C ILE B 278 26.40 -3.24 2.36
N PRO B 279 27.19 -2.49 3.16
CA PRO B 279 27.87 -1.26 2.73
C PRO B 279 29.15 -1.57 1.95
N HIS B 280 29.05 -2.54 1.03
CA HIS B 280 30.19 -2.94 0.21
C HIS B 280 29.70 -3.37 -1.18
N VAL B 281 30.52 -3.13 -2.19
CA VAL B 281 30.20 -3.53 -3.55
C VAL B 281 30.69 -4.96 -3.64
N PHE B 282 29.89 -5.85 -4.22
CA PHE B 282 30.31 -7.24 -4.35
C PHE B 282 29.56 -7.94 -5.48
N ALA B 283 29.84 -9.24 -5.62
CA ALA B 283 29.22 -10.04 -6.66
C ALA B 283 29.10 -11.48 -6.18
N ALA B 284 28.02 -12.15 -6.59
CA ALA B 284 27.79 -13.54 -6.18
C ALA B 284 27.70 -14.42 -7.41
N GLY B 285 28.38 -15.56 -7.36
CA GLY B 285 28.39 -16.47 -8.49
C GLY B 285 27.42 -17.64 -8.42
N CYS B 286 27.77 -18.70 -9.12
CA CYS B 286 26.93 -19.90 -9.19
C CYS B 286 27.53 -21.11 -8.48
N GLU B 287 28.24 -20.90 -7.37
CA GLU B 287 28.85 -22.03 -6.66
C GLU B 287 27.83 -23.06 -6.16
N GLY B 288 26.55 -22.70 -6.21
CA GLY B 288 25.52 -23.62 -5.77
C GLY B 288 24.90 -24.45 -6.91
N ASN B 289 25.05 -24.00 -8.16
CA ASN B 289 24.48 -24.69 -9.31
C ASN B 289 24.92 -26.15 -9.43
N PRO B 290 23.95 -27.06 -9.68
CA PRO B 290 24.22 -28.50 -9.82
C PRO B 290 25.21 -28.70 -10.99
N GLY B 291 25.33 -27.68 -11.82
CA GLY B 291 26.23 -27.75 -12.96
C GLY B 291 27.54 -27.02 -12.74
N TYR B 292 27.81 -26.64 -11.50
CA TYR B 292 29.03 -25.91 -11.17
C TYR B 292 30.24 -26.74 -11.55
N THR B 293 31.24 -26.08 -12.12
CA THR B 293 32.46 -26.74 -12.56
C THR B 293 33.69 -25.96 -12.10
N PRO B 294 34.88 -26.60 -12.17
CA PRO B 294 36.16 -25.99 -11.78
C PRO B 294 36.45 -24.82 -12.71
N ARG B 295 36.00 -24.94 -13.95
CA ARG B 295 36.18 -23.91 -14.96
C ARG B 295 35.49 -22.63 -14.51
N LEU B 296 34.21 -22.76 -14.18
CA LEU B 296 33.42 -21.63 -13.72
C LEU B 296 34.01 -21.05 -12.44
N GLU B 297 34.41 -21.93 -11.53
CA GLU B 297 35.00 -21.51 -10.27
C GLU B 297 36.27 -20.71 -10.56
N ARG B 298 37.03 -21.17 -11.55
CA ARG B 298 38.26 -20.50 -11.95
C ARG B 298 37.93 -19.11 -12.51
N LEU B 299 37.00 -19.06 -13.45
CA LEU B 299 36.58 -17.81 -14.08
C LEU B 299 35.98 -16.82 -13.10
N GLU B 300 35.19 -17.32 -12.16
CA GLU B 300 34.59 -16.43 -11.16
C GLU B 300 35.75 -15.78 -10.38
N GLN B 301 36.71 -16.60 -9.99
CA GLN B 301 37.88 -16.13 -9.25
C GLN B 301 38.63 -15.08 -10.07
N ARG B 302 38.79 -15.37 -11.36
CA ARG B 302 39.47 -14.47 -12.27
C ARG B 302 38.75 -13.13 -12.40
N PHE B 303 37.42 -13.14 -12.44
CA PHE B 303 36.64 -11.91 -12.57
C PHE B 303 36.75 -11.02 -11.33
N ARG B 304 36.46 -11.58 -10.17
CA ARG B 304 36.51 -10.82 -8.92
C ARG B 304 37.89 -10.20 -8.74
N GLU B 305 38.90 -11.03 -8.98
CA GLU B 305 40.29 -10.63 -8.86
C GLU B 305 40.63 -9.42 -9.73
N GLU B 306 40.30 -9.49 -11.02
CA GLU B 306 40.56 -8.39 -11.94
C GLU B 306 39.74 -7.13 -11.69
N LEU B 307 38.52 -7.27 -11.18
CA LEU B 307 37.68 -6.10 -10.91
C LEU B 307 38.10 -5.32 -9.67
N MET B 308 38.51 -6.05 -8.62
CA MET B 308 38.92 -5.39 -7.38
C MET B 308 40.16 -4.54 -7.59
N ALA B 309 40.91 -4.88 -8.63
CA ALA B 309 42.13 -4.13 -8.93
C ALA B 309 41.83 -2.91 -9.79
N ARG B 310 40.61 -2.81 -10.32
CA ARG B 310 40.25 -1.69 -11.19
C ARG B 310 39.21 -0.68 -10.68
N GLY B 311 38.40 -1.07 -9.70
CA GLY B 311 37.39 -0.15 -9.22
C GLY B 311 36.91 -0.47 -7.81
N GLU B 312 35.88 0.25 -7.38
CA GLU B 312 35.29 0.07 -6.05
C GLU B 312 34.57 -1.28 -5.99
N PHE B 313 35.33 -2.31 -5.65
CA PHE B 313 34.81 -3.67 -5.60
C PHE B 313 35.63 -4.44 -4.57
N GLN B 314 35.00 -5.37 -3.85
CA GLN B 314 35.72 -6.17 -2.85
C GLN B 314 35.22 -7.61 -2.79
N ILE B 315 35.90 -8.43 -2.00
CA ILE B 315 35.53 -9.85 -1.89
C ILE B 315 35.24 -10.33 -0.46
N ARG B 316 35.69 -9.58 0.54
CA ARG B 316 35.47 -9.96 1.94
C ARG B 316 34.00 -10.12 2.28
N HIS B 317 33.24 -9.03 2.14
CA HIS B 317 31.83 -9.01 2.47
C HIS B 317 30.89 -9.38 1.33
N GLY B 318 29.75 -9.95 1.68
CA GLY B 318 28.76 -10.35 0.69
C GLY B 318 27.83 -11.37 1.28
N TYR B 319 27.06 -12.04 0.43
CA TYR B 319 26.12 -13.05 0.90
C TYR B 319 26.90 -14.34 1.13
N PRO B 320 26.43 -15.19 2.06
CA PRO B 320 27.09 -16.46 2.35
C PRO B 320 27.14 -17.33 1.11
N ARG B 321 28.19 -18.14 0.98
CA ARG B 321 28.31 -19.03 -0.16
C ARG B 321 27.22 -20.10 -0.08
N SER B 322 26.90 -20.68 -1.24
CA SER B 322 25.89 -21.72 -1.28
C SER B 322 26.52 -23.11 -1.12
N ALA B 323 25.84 -24.01 -0.42
CA ALA B 323 26.34 -25.36 -0.26
C ALA B 323 26.36 -25.95 -1.68
N PRO B 324 27.33 -26.81 -1.98
CA PRO B 324 27.39 -27.40 -3.33
C PRO B 324 26.04 -27.95 -3.77
N GLY B 325 25.64 -27.61 -5.00
CA GLY B 325 24.39 -28.10 -5.55
C GLY B 325 23.09 -27.66 -4.86
N GLN B 326 23.16 -26.70 -3.94
CA GLN B 326 21.95 -26.25 -3.26
C GLN B 326 21.47 -24.86 -3.66
N ALA B 327 21.76 -24.44 -4.89
CA ALA B 327 21.33 -23.12 -5.34
C ALA B 327 19.85 -23.13 -5.76
N ASN B 328 19.27 -21.94 -5.81
CA ASN B 328 17.89 -21.79 -6.23
C ASN B 328 17.97 -21.39 -7.71
N LEU B 329 17.62 -22.31 -8.61
CA LEU B 329 17.68 -22.04 -10.04
C LEU B 329 16.59 -21.10 -10.57
N ALA B 330 15.83 -20.50 -9.66
CA ALA B 330 14.78 -19.59 -10.05
C ALA B 330 15.34 -18.18 -10.28
N LEU B 331 16.55 -17.95 -9.79
CA LEU B 331 17.21 -16.65 -9.96
C LEU B 331 17.98 -16.57 -11.28
N ALA B 332 17.94 -15.40 -11.91
CA ALA B 332 18.60 -15.17 -13.19
C ALA B 332 20.04 -15.70 -13.27
N CYS B 333 20.88 -15.25 -12.35
CA CYS B 333 22.29 -15.65 -12.31
C CYS B 333 22.45 -17.16 -12.40
N ASN B 334 21.85 -17.88 -11.46
CA ASN B 334 21.97 -19.33 -11.43
C ASN B 334 21.42 -19.95 -12.71
N PHE B 335 20.16 -19.66 -13.01
CA PHE B 335 19.50 -20.22 -14.20
C PHE B 335 20.25 -19.99 -15.50
N VAL B 336 20.69 -18.76 -15.74
CA VAL B 336 21.40 -18.45 -16.96
C VAL B 336 22.78 -19.10 -16.92
N GLY B 337 23.42 -19.04 -15.76
CA GLY B 337 24.74 -19.63 -15.60
C GLY B 337 24.77 -21.11 -15.91
N GLN B 338 23.77 -21.84 -15.42
CA GLN B 338 23.70 -23.28 -15.66
C GLN B 338 23.17 -23.62 -17.05
N THR B 339 22.17 -22.87 -17.51
CA THR B 339 21.60 -23.14 -18.82
C THR B 339 22.58 -22.96 -19.97
N TYR B 340 23.47 -21.98 -19.84
CA TYR B 340 24.47 -21.69 -20.87
C TYR B 340 25.89 -22.13 -20.52
N ASP B 341 26.07 -22.60 -19.29
CA ASP B 341 27.37 -23.05 -18.83
C ASP B 341 28.39 -21.92 -18.97
N CYS B 342 27.96 -20.71 -18.66
CA CYS B 342 28.81 -19.53 -18.78
C CYS B 342 29.08 -18.86 -17.43
N LEU B 343 30.06 -17.97 -17.40
CA LEU B 343 30.36 -17.23 -16.19
C LEU B 343 29.11 -16.40 -15.93
N ALA B 344 28.63 -16.38 -14.69
CA ALA B 344 27.44 -15.60 -14.35
C ALA B 344 27.55 -14.99 -12.97
N PHE B 345 27.26 -13.70 -12.89
CA PHE B 345 27.32 -12.93 -11.64
C PHE B 345 26.16 -11.96 -11.44
N THR B 346 25.88 -11.65 -10.18
CA THR B 346 24.91 -10.62 -9.85
C THR B 346 25.88 -9.59 -9.25
N ILE B 347 25.81 -8.33 -9.69
CA ILE B 347 26.70 -7.31 -9.13
C ILE B 347 25.89 -6.45 -8.16
N GLU B 348 26.36 -6.35 -6.91
CA GLU B 348 25.64 -5.60 -5.88
C GLU B 348 26.24 -4.27 -5.42
N MET B 349 25.47 -3.20 -5.57
CA MET B 349 25.91 -1.88 -5.15
C MET B 349 25.07 -1.49 -3.93
N PRO B 350 25.71 -0.89 -2.90
CA PRO B 350 25.02 -0.47 -1.68
C PRO B 350 24.13 0.76 -1.74
N PHE B 351 23.04 0.74 -0.97
CA PHE B 351 22.15 1.90 -0.92
C PHE B 351 22.83 2.87 0.04
N LYS B 352 23.75 2.35 0.85
CA LYS B 352 24.51 3.15 1.80
C LYS B 352 25.76 3.71 1.14
N ASP B 353 26.92 3.17 1.49
CA ASP B 353 28.20 3.61 0.92
C ASP B 353 29.05 2.37 0.72
N HIS B 354 30.16 2.52 -0.01
CA HIS B 354 31.10 1.43 -0.20
C HIS B 354 32.13 1.80 0.86
N ASP B 355 31.97 1.22 2.04
CA ASP B 355 32.84 1.52 3.18
C ASP B 355 34.36 1.44 2.96
N ASP B 356 34.80 0.73 1.92
CA ASP B 356 36.24 0.63 1.67
C ASP B 356 36.77 1.97 1.17
N ASN B 357 35.91 2.73 0.49
CA ASN B 357 36.29 4.05 -0.02
C ASN B 357 35.12 4.98 0.25
N PRO B 358 34.91 5.34 1.54
CA PRO B 358 33.83 6.21 1.97
C PRO B 358 33.83 7.63 1.39
N GLU B 359 32.63 8.16 1.19
CA GLU B 359 32.41 9.51 0.67
C GLU B 359 31.10 9.99 1.30
N PRO B 360 31.16 10.41 2.58
CA PRO B 360 30.06 10.91 3.42
C PRO B 360 29.09 11.93 2.80
N GLY B 361 29.61 12.83 1.99
CA GLY B 361 28.74 13.82 1.39
C GLY B 361 27.66 13.23 0.49
N THR B 362 27.97 12.14 -0.19
CA THR B 362 27.01 11.51 -1.11
C THR B 362 26.73 10.04 -0.83
N GLY B 363 27.66 9.35 -0.18
CA GLY B 363 27.48 7.94 0.04
C GLY B 363 27.58 7.37 -1.36
N TRP B 364 27.03 6.18 -1.62
CA TRP B 364 27.10 5.62 -2.97
C TRP B 364 26.13 6.45 -3.83
N SER B 365 26.43 6.63 -5.11
CA SER B 365 25.60 7.46 -5.96
C SER B 365 25.51 7.02 -7.42
N GLY B 366 24.83 7.84 -8.21
CA GLY B 366 24.68 7.53 -9.63
C GLY B 366 26.02 7.71 -10.31
N ALA B 367 26.71 8.80 -9.96
CA ALA B 367 28.02 9.08 -10.54
C ALA B 367 29.00 7.93 -10.28
N ARG B 368 29.01 7.39 -9.06
CA ARG B 368 29.91 6.30 -8.73
C ARG B 368 29.44 4.99 -9.35
N SER B 369 28.14 4.89 -9.59
CA SER B 369 27.57 3.69 -10.21
C SER B 369 28.03 3.65 -11.66
N LYS B 370 28.00 4.82 -12.30
CA LYS B 370 28.42 4.95 -13.69
C LYS B 370 29.88 4.52 -13.84
N ARG B 371 30.72 4.95 -12.89
CA ARG B 371 32.15 4.59 -12.92
C ARG B 371 32.34 3.08 -12.86
N LEU B 372 31.66 2.43 -11.92
CA LEU B 372 31.78 0.98 -11.79
C LEU B 372 31.42 0.35 -13.12
N GLY B 373 30.48 0.99 -13.84
CA GLY B 373 30.04 0.49 -15.13
C GLY B 373 31.20 0.39 -16.09
N GLN B 374 31.98 1.46 -16.18
CA GLN B 374 33.14 1.49 -17.05
C GLN B 374 34.23 0.51 -16.61
N ASP B 375 34.40 0.35 -15.30
CA ASP B 375 35.41 -0.56 -14.77
C ASP B 375 35.13 -2.01 -15.10
N VAL B 376 33.85 -2.38 -15.10
CA VAL B 376 33.44 -3.74 -15.41
C VAL B 376 33.80 -4.06 -16.85
N LEU B 377 33.69 -3.06 -17.72
CA LEU B 377 34.05 -3.25 -19.12
C LEU B 377 35.52 -3.63 -19.22
N SER B 378 36.39 -2.84 -18.60
CA SER B 378 37.82 -3.13 -18.62
C SER B 378 38.03 -4.57 -18.19
N THR B 379 37.34 -4.96 -17.13
CA THR B 379 37.43 -6.31 -16.62
C THR B 379 37.00 -7.32 -17.69
N LEU B 380 35.99 -6.97 -18.46
CA LEU B 380 35.52 -7.86 -19.52
C LEU B 380 36.56 -7.95 -20.64
N ALA B 381 37.14 -6.81 -21.02
CA ALA B 381 38.15 -6.76 -22.07
C ALA B 381 39.37 -7.58 -21.68
N VAL B 382 39.59 -7.74 -20.37
CA VAL B 382 40.74 -8.49 -19.88
C VAL B 382 40.47 -9.98 -19.83
N LEU B 383 39.21 -10.38 -19.79
CA LEU B 383 38.89 -11.80 -19.70
C LEU B 383 38.25 -12.41 -20.95
N VAL B 384 37.91 -11.58 -21.93
CA VAL B 384 37.27 -12.07 -23.15
C VAL B 384 37.88 -13.35 -23.75
N ASP B 385 39.20 -13.52 -23.65
CA ASP B 385 39.87 -14.70 -24.20
C ASP B 385 39.72 -15.98 -23.39
N GLU B 386 39.17 -15.87 -22.19
CA GLU B 386 39.00 -17.04 -21.33
C GLU B 386 37.53 -17.42 -21.12
N LEU B 387 36.61 -16.54 -21.52
CA LEU B 387 35.20 -16.82 -21.33
C LEU B 387 34.77 -18.14 -21.96
N ARG B 388 35.30 -18.44 -23.15
CA ARG B 388 35.00 -19.69 -23.83
C ARG B 388 36.26 -20.46 -24.17
ZN ZN C . -15.33 -2.36 13.01
C1 BZS D . -15.27 -4.86 13.90
C2 BZS D . -15.32 -5.81 15.11
CA BZS D . -14.92 -5.04 16.37
C BZS D . -13.42 -4.78 16.36
CB BZS D . -15.30 -5.81 17.63
O1 BZS D . -16.35 -4.48 13.42
O2 BZS D . -14.15 -4.52 13.51
O3 BZS D . -12.67 -5.73 16.05
O4 BZS D . -13.03 -3.64 16.68
ZN ZN E . 17.93 -6.75 -6.54
#